data_9HK1
#
_entry.id   9HK1
#
_cell.length_a   52.161
_cell.length_b   53.794
_cell.length_c   103.003
_cell.angle_alpha   104.800
_cell.angle_beta   101.825
_cell.angle_gamma   92.570
#
_symmetry.space_group_name_H-M   'P 1'
#
loop_
_entity.id
_entity.type
_entity.pdbx_description
1 polymer 'Programmed cell death protein 1'
2 polymer 'Antibody FAB light chain'
3 polymer 'Antibody FAB heavy chain'
4 non-polymer 2-acetamido-2-deoxy-beta-D-glucopyranose
5 water water
#
loop_
_entity_poly.entity_id
_entity_poly.type
_entity_poly.pdbx_seq_one_letter_code
_entity_poly.pdbx_strand_id
1 'polypeptide(L)'
;GPSGALDSPDRPWNPPTFSPALLVVTEGDNATFTCSFSNTSESFVLNWYRMSPSNQTDKLAAFPEDRSQPGQDSRFRVTQ
LPNGRDFHMSVVRARRNDSGTYLCGAISLAPKAQIKESLRAELRVTERR
;
A,B
2 'polypeptide(L)'
;ENQLTQSPSSLSASVGDRVTITCRASSSVISSYLHWYQQKPGKAPKLLIYSTSNLASGVPSRFSGSGSGTDYTLTISSLQ
PEDFATYYCQQYNSYPLTFGGGTKLEIKRTVAAPSVFIFPPSDEQLKSGTASVVCLLNNFYPREAKVQWKVDNALQSGNS
QESVTEQDSKDSTYSLSSTLTLSKADYEKHKVYACEVTHQGLSSPVTKSFNRGEC
;
L,M
3 'polypeptide(L)'
;QVQLVQSGAEVKKPGASVKVSCKAFGYTFTTYPIEWMRQAPGKGLEWIGNFHPYNDDTKYNEKFQGRVTLTVDKSSTTVY
MELSSLRSEDTAVYYCARENYGSHGGFVYWGQGTLVTVSSASTKGPSVFPLAPSSKSTSGGTAALGCLVKDYFPEPVTVS
WNSGALTSGVHTFPAVLQSSGLYSLSSVVTVPSSSLGTQTYICNVNHKPSNTKVDKKVEPKSCDKTH
;
H,I
#
# COMPACT_ATOMS: atom_id res chain seq x y z
N PRO A 12 -13.31 12.29 6.38
CA PRO A 12 -12.51 13.56 6.52
C PRO A 12 -11.90 13.90 5.15
N TRP A 13 -12.29 15.01 4.57
CA TRP A 13 -11.94 15.31 3.19
C TRP A 13 -10.65 16.13 3.18
N ASN A 14 -9.75 15.81 2.24
CA ASN A 14 -8.44 16.44 2.13
C ASN A 14 -7.75 16.61 3.50
N PRO A 15 -7.55 15.53 4.30
CA PRO A 15 -6.72 15.63 5.50
C PRO A 15 -5.24 15.71 5.17
N PRO A 16 -4.38 16.24 6.05
CA PRO A 16 -2.96 16.11 5.84
C PRO A 16 -2.52 14.67 5.92
N THR A 17 -1.39 14.36 5.28
CA THR A 17 -0.73 13.09 5.49
C THR A 17 0.48 13.37 6.37
N PHE A 18 0.99 12.30 6.99
CA PHE A 18 2.18 12.38 7.83
C PHE A 18 3.06 11.19 7.49
N SER A 19 4.31 11.46 7.17
CA SER A 19 5.21 10.41 6.74
C SER A 19 6.51 10.48 7.52
N PRO A 20 7.26 9.38 7.70
CA PRO A 20 6.83 8.05 7.32
C PRO A 20 5.94 7.42 8.39
N ALA A 21 5.59 6.15 8.24
CA ALA A 21 4.74 5.48 9.21
C ALA A 21 5.53 5.14 10.48
N LEU A 22 6.85 5.04 10.33
CA LEU A 22 7.72 4.63 11.43
C LEU A 22 9.08 5.30 11.27
N LEU A 23 9.53 5.89 12.38
CA LEU A 23 10.85 6.48 12.43
C LEU A 23 11.55 5.92 13.67
N VAL A 24 12.73 5.31 13.48
CA VAL A 24 13.48 4.71 14.58
C VAL A 24 14.84 5.39 14.62
N VAL A 25 15.17 5.97 15.79
CA VAL A 25 16.43 6.64 16.02
C VAL A 25 16.98 6.27 17.40
N THR A 26 18.25 6.58 17.65
CA THR A 26 18.83 6.33 18.96
C THR A 26 18.68 7.57 19.82
N GLU A 27 18.53 7.41 21.14
CA GLU A 27 18.41 8.57 22.00
C GLU A 27 19.55 9.54 21.70
N GLY A 28 19.23 10.83 21.75
CA GLY A 28 20.18 11.89 21.44
C GLY A 28 20.09 12.32 19.98
N ASP A 29 19.64 11.44 19.08
CA ASP A 29 19.51 11.80 17.68
C ASP A 29 18.32 12.75 17.47
N ASN A 30 18.26 13.32 16.26
CA ASN A 30 17.10 14.04 15.77
C ASN A 30 16.20 13.08 15.02
N ALA A 31 14.90 13.38 14.96
CA ALA A 31 13.99 12.71 14.04
C ALA A 31 13.07 13.76 13.42
N THR A 32 12.78 13.58 12.12
CA THR A 32 12.08 14.57 11.31
C THR A 32 11.00 13.86 10.50
N PHE A 33 9.74 14.08 10.87
CA PHE A 33 8.62 13.64 10.05
C PHE A 33 8.26 14.70 9.02
N THR A 34 7.40 14.30 8.04
CA THR A 34 6.88 15.22 7.04
C THR A 34 5.35 15.15 7.04
N CYS A 35 4.74 16.30 7.34
CA CYS A 35 3.30 16.52 7.22
C CYS A 35 3.00 17.14 5.86
N SER A 36 2.14 16.50 5.06
CA SER A 36 1.82 17.05 3.75
C SER A 36 0.38 17.55 3.70
N PHE A 37 0.23 18.83 3.29
CA PHE A 37 -1.08 19.50 3.29
C PHE A 37 -1.06 20.64 2.27
N SER A 38 -1.94 20.50 1.26
CA SER A 38 -2.27 21.53 0.29
C SER A 38 -3.69 22.05 0.54
N ASN A 39 -3.76 23.20 1.25
CA ASN A 39 -5.04 23.81 1.58
C ASN A 39 -5.76 24.26 0.31
N THR A 40 -7.07 24.02 0.29
CA THR A 40 -7.95 24.54 -0.76
C THR A 40 -8.66 25.80 -0.25
N SER A 41 -8.49 26.16 1.04
CA SER A 41 -9.41 27.04 1.74
C SER A 41 -8.82 28.42 2.09
N GLU A 42 -7.50 28.52 2.32
CA GLU A 42 -6.81 29.74 2.77
C GLU A 42 -7.04 29.95 4.27
N SER A 43 -5.97 30.40 4.95
CA SER A 43 -5.90 30.40 6.41
C SER A 43 -6.30 29.04 7.01
N PHE A 44 -5.27 28.30 7.39
CA PHE A 44 -5.38 27.07 8.15
C PHE A 44 -4.29 27.16 9.22
N VAL A 45 -4.43 26.42 10.31
CA VAL A 45 -3.27 26.17 11.15
C VAL A 45 -2.96 24.68 11.09
N LEU A 46 -1.65 24.36 11.13
CA LEU A 46 -1.15 22.98 11.09
C LEU A 46 -0.49 22.61 12.42
N ASN A 47 -1.12 21.68 13.14
CA ASN A 47 -0.60 21.25 14.43
C ASN A 47 0.05 19.85 14.31
N TRP A 48 1.18 19.71 15.02
CA TRP A 48 1.83 18.44 15.35
C TRP A 48 1.37 17.98 16.72
N TYR A 49 0.93 16.73 16.85
CA TYR A 49 0.38 16.26 18.12
C TYR A 49 0.98 14.91 18.53
N ARG A 50 0.91 14.64 19.84
CA ARG A 50 1.22 13.33 20.40
C ARG A 50 -0.06 12.70 20.94
N MET A 51 -0.25 11.40 20.62
CA MET A 51 -1.34 10.61 21.18
C MET A 51 -0.84 10.00 22.48
N SER A 52 -1.67 10.10 23.53
CA SER A 52 -1.30 9.62 24.85
C SER A 52 -2.10 8.35 25.15
N PRO A 53 -2.17 7.81 26.39
CA PRO A 53 -2.61 6.43 26.58
C PRO A 53 -4.07 6.16 26.19
N SER A 54 -5.00 6.99 26.70
CA SER A 54 -6.42 6.76 26.47
C SER A 54 -6.90 7.54 25.24
N ASN A 55 -6.00 7.74 24.27
CA ASN A 55 -6.33 8.24 22.94
C ASN A 55 -6.34 9.77 22.93
N GLN A 56 -5.86 10.38 24.03
CA GLN A 56 -5.86 11.84 24.16
C GLN A 56 -4.81 12.39 23.18
N THR A 57 -4.92 13.68 22.82
CA THR A 57 -3.85 14.34 22.07
C THR A 57 -3.20 15.39 22.96
N ASP A 58 -1.93 15.72 22.66
CA ASP A 58 -1.25 16.87 23.22
C ASP A 58 -0.55 17.59 22.07
N LYS A 59 -0.55 18.92 22.07
CA LYS A 59 0.00 19.72 20.97
C LYS A 59 1.47 20.01 21.25
N LEU A 60 2.35 19.78 20.27
CA LEU A 60 3.78 19.89 20.52
C LEU A 60 4.34 21.13 19.86
N ALA A 61 3.79 21.45 18.68
CA ALA A 61 4.21 22.59 17.88
C ALA A 61 3.15 22.84 16.81
N ALA A 62 3.36 23.94 16.07
CA ALA A 62 2.35 24.36 15.11
C ALA A 62 3.00 25.24 14.06
N PHE A 63 2.41 25.24 12.86
CA PHE A 63 2.59 26.28 11.89
C PHE A 63 1.32 27.11 11.70
N PRO A 64 1.39 28.46 11.86
CA PRO A 64 2.66 29.19 11.96
C PRO A 64 3.25 29.30 13.37
N SER A 74 12.06 24.83 23.00
CA SER A 74 11.42 23.49 22.81
C SER A 74 12.20 22.65 21.80
N ARG A 75 12.12 21.33 21.99
CA ARG A 75 12.74 20.33 21.13
C ARG A 75 11.89 20.02 19.89
N PHE A 76 10.63 20.49 19.86
CA PHE A 76 9.74 20.18 18.75
C PHE A 76 9.56 21.42 17.86
N ARG A 77 9.78 21.26 16.54
CA ARG A 77 9.71 22.36 15.59
C ARG A 77 8.97 21.97 14.31
N VAL A 78 8.18 22.90 13.77
CA VAL A 78 7.57 22.75 12.45
C VAL A 78 8.22 23.74 11.50
N THR A 79 8.61 23.28 10.32
CA THR A 79 9.06 24.15 9.26
C THR A 79 8.31 23.81 7.97
N GLN A 80 7.64 24.82 7.40
CA GLN A 80 7.19 24.75 6.02
C GLN A 80 8.42 24.65 5.12
N LEU A 81 8.32 23.81 4.08
CA LEU A 81 9.39 23.63 3.10
C LEU A 81 9.15 24.51 1.88
N PRO A 82 10.17 24.73 1.01
CA PRO A 82 10.05 25.60 -0.16
C PRO A 82 8.92 25.24 -1.12
N ASN A 83 8.50 23.98 -1.15
CA ASN A 83 7.40 23.63 -2.04
C ASN A 83 6.06 24.04 -1.41
N GLY A 84 6.06 24.46 -0.14
CA GLY A 84 4.87 24.95 0.52
C GLY A 84 3.90 23.82 0.92
N ARG A 85 3.84 22.74 0.13
CA ARG A 85 3.02 21.57 0.46
C ARG A 85 3.52 20.86 1.73
N ASP A 86 4.84 20.94 1.99
CA ASP A 86 5.47 20.07 2.94
C ASP A 86 5.96 20.79 4.18
N PHE A 87 5.98 20.05 5.29
CA PHE A 87 6.35 20.58 6.58
C PHE A 87 7.17 19.53 7.30
N HIS A 88 8.40 19.89 7.69
CA HIS A 88 9.22 19.05 8.53
C HIS A 88 8.70 19.23 9.95
N MET A 89 8.36 18.10 10.61
CA MET A 89 8.08 18.10 12.04
C MET A 89 9.23 17.39 12.76
N SER A 90 10.14 18.24 13.24
CA SER A 90 11.44 17.86 13.74
C SER A 90 11.40 17.65 15.26
N VAL A 91 11.99 16.55 15.77
CA VAL A 91 12.36 16.45 17.18
C VAL A 91 13.90 16.55 17.28
N VAL A 92 14.37 17.47 18.13
CA VAL A 92 15.79 17.60 18.43
C VAL A 92 16.05 16.77 19.69
N ARG A 93 17.20 16.07 19.70
CA ARG A 93 17.72 15.37 20.88
C ARG A 93 16.66 14.49 21.52
N ALA A 94 16.26 13.47 20.77
CA ALA A 94 15.19 12.56 21.20
C ALA A 94 15.57 11.92 22.53
N ARG A 95 14.56 11.77 23.39
CA ARG A 95 14.68 10.95 24.58
C ARG A 95 13.90 9.65 24.41
N ARG A 96 14.13 8.67 25.31
CA ARG A 96 13.44 7.38 25.26
C ARG A 96 11.94 7.61 25.27
N ASN A 97 11.46 8.47 26.18
CA ASN A 97 10.05 8.56 26.49
C ASN A 97 9.32 9.40 25.45
N ASP A 98 10.09 9.93 24.47
CA ASP A 98 9.52 10.47 23.24
C ASP A 98 8.88 9.35 22.42
N SER A 99 9.23 8.08 22.66
CA SER A 99 8.66 6.98 21.89
C SER A 99 7.15 7.04 21.97
N GLY A 100 6.46 6.84 20.84
CA GLY A 100 5.00 6.90 20.87
C GLY A 100 4.39 7.24 19.52
N THR A 101 3.08 7.51 19.55
CA THR A 101 2.28 7.76 18.37
C THR A 101 2.10 9.27 18.20
N TYR A 102 2.29 9.73 16.95
CA TYR A 102 2.22 11.13 16.52
C TYR A 102 1.30 11.24 15.30
N LEU A 103 0.75 12.45 15.10
CA LEU A 103 0.00 12.78 13.89
C LEU A 103 0.08 14.29 13.64
N CYS A 104 -0.38 14.73 12.45
CA CYS A 104 -0.60 16.15 12.21
C CYS A 104 -2.09 16.40 11.90
N GLY A 105 -2.47 17.67 12.10
CA GLY A 105 -3.87 18.08 12.00
C GLY A 105 -3.97 19.50 11.46
N ALA A 106 -4.86 19.68 10.48
CA ALA A 106 -5.13 20.99 9.91
C ALA A 106 -6.46 21.52 10.44
N ILE A 107 -6.54 22.84 10.64
CA ILE A 107 -7.81 23.53 10.90
C ILE A 107 -8.00 24.64 9.86
N SER A 108 -9.13 24.59 9.14
CA SER A 108 -9.43 25.56 8.09
C SER A 108 -10.21 26.74 8.69
N ILE A 115 -10.82 20.23 13.18
CA ILE A 115 -9.53 19.47 13.15
C ILE A 115 -9.70 18.38 12.09
N LYS A 116 -8.83 18.39 11.08
CA LYS A 116 -8.74 17.29 10.15
C LYS A 116 -7.43 16.57 10.43
N GLU A 117 -7.53 15.33 10.93
CA GLU A 117 -6.38 14.62 11.45
C GLU A 117 -5.72 13.79 10.36
N SER A 118 -4.39 13.84 10.29
CA SER A 118 -3.66 12.87 9.52
C SER A 118 -3.85 11.47 10.13
N LEU A 119 -3.41 10.46 9.42
CA LEU A 119 -3.31 9.13 10.01
C LEU A 119 -2.06 9.16 10.90
N ARG A 120 -1.92 8.12 11.72
CA ARG A 120 -0.91 8.12 12.76
C ARG A 120 0.40 7.60 12.18
N ALA A 121 1.50 7.96 12.84
CA ALA A 121 2.83 7.43 12.57
C ALA A 121 3.47 7.13 13.92
N GLU A 122 4.71 6.58 13.92
CA GLU A 122 5.33 6.24 15.18
C GLU A 122 6.80 6.67 15.22
N LEU A 123 7.22 7.01 16.44
CA LEU A 123 8.61 7.27 16.77
C LEU A 123 9.07 6.21 17.77
N ARG A 124 10.27 5.66 17.55
CA ARG A 124 10.89 4.79 18.53
C ARG A 124 12.32 5.28 18.79
N VAL A 125 12.64 5.50 20.08
CA VAL A 125 13.95 5.99 20.44
C VAL A 125 14.66 4.93 21.28
N THR A 126 15.74 4.39 20.72
CA THR A 126 16.43 3.22 21.26
C THR A 126 17.41 3.68 22.33
N GLU A 127 17.82 2.73 23.19
CA GLU A 127 18.78 3.03 24.23
C GLU A 127 20.18 3.04 23.61
N ARG A 128 20.95 4.08 23.91
CA ARG A 128 22.33 4.17 23.47
C ARG A 128 23.20 3.48 24.52
N ARG A 129 23.81 2.37 24.13
CA ARG A 129 24.64 1.56 25.02
C ARG A 129 26.07 2.15 25.09
N PRO B 12 -0.45 -19.04 2.55
CA PRO B 12 0.49 -19.58 1.50
C PRO B 12 1.81 -18.80 1.59
N TRP B 13 2.93 -19.51 1.77
CA TRP B 13 4.20 -18.87 2.03
C TRP B 13 5.08 -18.80 0.76
N ASN B 14 5.71 -17.65 0.57
CA ASN B 14 6.42 -17.28 -0.66
C ASN B 14 5.57 -17.53 -1.92
N PRO B 15 4.35 -16.97 -2.05
CA PRO B 15 3.64 -17.07 -3.31
C PRO B 15 4.24 -16.13 -4.35
N PRO B 16 3.95 -16.32 -5.65
CA PRO B 16 4.30 -15.31 -6.63
C PRO B 16 3.51 -14.03 -6.40
N THR B 17 4.08 -12.93 -6.90
CA THR B 17 3.42 -11.64 -6.98
C THR B 17 3.07 -11.38 -8.44
N PHE B 18 2.04 -10.57 -8.62
CA PHE B 18 1.53 -10.28 -9.95
C PHE B 18 1.22 -8.80 -10.07
N SER B 19 1.93 -8.14 -11.01
CA SER B 19 1.88 -6.70 -11.18
C SER B 19 1.58 -6.27 -12.62
N PRO B 20 0.95 -5.08 -12.85
CA PRO B 20 0.35 -4.25 -11.79
C PRO B 20 -1.02 -4.78 -11.37
N ALA B 21 -1.77 -4.03 -10.56
CA ALA B 21 -3.11 -4.48 -10.21
C ALA B 21 -4.08 -4.27 -11.38
N LEU B 22 -3.83 -3.24 -12.19
CA LEU B 22 -4.72 -2.89 -13.28
C LEU B 22 -3.89 -2.53 -14.51
N LEU B 23 -4.27 -3.12 -15.64
CA LEU B 23 -3.68 -2.83 -16.94
C LEU B 23 -4.84 -2.56 -17.89
N VAL B 24 -4.84 -1.37 -18.50
CA VAL B 24 -5.87 -0.91 -19.42
C VAL B 24 -5.24 -0.66 -20.80
N VAL B 25 -5.70 -1.38 -21.81
CA VAL B 25 -5.19 -1.21 -23.17
C VAL B 25 -6.36 -1.08 -24.15
N THR B 26 -6.06 -0.77 -25.42
CA THR B 26 -7.08 -0.77 -26.45
C THR B 26 -7.04 -2.06 -27.26
N GLU B 27 -8.19 -2.48 -27.78
CA GLU B 27 -8.26 -3.68 -28.60
C GLU B 27 -7.19 -3.60 -29.70
N GLY B 28 -6.56 -4.74 -29.98
CA GLY B 28 -5.44 -4.76 -30.89
C GLY B 28 -4.10 -4.56 -30.20
N ASP B 29 -4.08 -3.96 -28.99
CA ASP B 29 -2.80 -3.75 -28.32
C ASP B 29 -2.32 -5.05 -27.69
N ASN B 30 -1.05 -5.03 -27.31
CA ASN B 30 -0.49 -5.93 -26.32
C ASN B 30 -0.77 -5.46 -24.89
N ALA B 31 -0.55 -6.41 -23.99
CA ALA B 31 -0.66 -6.18 -22.55
C ALA B 31 0.28 -7.16 -21.87
N THR B 32 1.13 -6.62 -20.99
CA THR B 32 2.18 -7.42 -20.38
C THR B 32 2.18 -7.21 -18.86
N PHE B 33 1.77 -8.25 -18.13
CA PHE B 33 1.93 -8.27 -16.69
C PHE B 33 3.30 -8.85 -16.33
N THR B 34 3.70 -8.64 -15.07
CA THR B 34 4.93 -9.19 -14.50
C THR B 34 4.61 -10.05 -13.28
N CYS B 35 4.96 -11.34 -13.38
CA CYS B 35 4.90 -12.28 -12.28
C CYS B 35 6.31 -12.42 -11.69
N SER B 36 6.46 -12.10 -10.39
CA SER B 36 7.75 -12.23 -9.71
C SER B 36 7.67 -13.43 -8.77
N PHE B 37 8.73 -14.24 -8.78
CA PHE B 37 8.84 -15.44 -7.98
C PHE B 37 10.29 -15.92 -7.97
N SER B 38 10.93 -15.93 -6.79
CA SER B 38 12.17 -16.66 -6.56
C SER B 38 11.90 -17.92 -5.70
N ASN B 39 12.09 -19.10 -6.33
CA ASN B 39 11.87 -20.39 -5.68
C ASN B 39 13.01 -20.64 -4.70
N THR B 40 12.68 -21.24 -3.55
CA THR B 40 13.65 -21.69 -2.56
C THR B 40 13.81 -23.22 -2.60
N SER B 41 12.87 -23.92 -3.23
CA SER B 41 13.00 -25.34 -3.54
C SER B 41 12.71 -25.54 -5.02
N GLU B 42 13.78 -25.84 -5.77
CA GLU B 42 13.61 -26.22 -7.16
C GLU B 42 12.82 -27.52 -7.11
N SER B 43 12.09 -27.88 -8.17
CA SER B 43 11.80 -27.06 -9.32
C SER B 43 10.31 -26.71 -9.31
N PHE B 44 9.95 -25.73 -10.14
CA PHE B 44 8.63 -25.15 -10.15
C PHE B 44 8.16 -25.00 -11.59
N VAL B 45 6.86 -25.12 -11.82
CA VAL B 45 6.26 -24.63 -13.04
C VAL B 45 5.39 -23.42 -12.70
N LEU B 46 5.54 -22.35 -13.51
CA LEU B 46 4.92 -21.07 -13.28
C LEU B 46 3.79 -20.87 -14.29
N ASN B 47 2.54 -20.82 -13.82
CA ASN B 47 1.38 -20.76 -14.71
C ASN B 47 0.68 -19.40 -14.63
N TRP B 48 0.20 -18.98 -15.81
CA TRP B 48 -0.68 -17.84 -15.96
C TRP B 48 -2.11 -18.35 -16.04
N TYR B 49 -3.02 -17.70 -15.29
CA TYR B 49 -4.40 -18.11 -15.21
C TYR B 49 -5.30 -16.89 -15.42
N ARG B 50 -6.51 -17.16 -15.93
CA ARG B 50 -7.59 -16.21 -15.88
C ARG B 50 -8.67 -16.77 -14.95
N MET B 51 -9.28 -15.92 -14.14
CA MET B 51 -10.34 -16.38 -13.25
C MET B 51 -11.64 -16.32 -14.03
N SER B 52 -12.36 -17.45 -14.03
CA SER B 52 -13.47 -17.64 -14.95
C SER B 52 -14.71 -16.96 -14.38
N PRO B 53 -15.75 -16.75 -15.23
CA PRO B 53 -17.08 -16.39 -14.75
C PRO B 53 -17.55 -17.30 -13.61
N SER B 54 -17.37 -18.62 -13.80
CA SER B 54 -17.67 -19.66 -12.82
C SER B 54 -17.03 -19.39 -11.44
N ASN B 55 -15.88 -18.71 -11.43
CA ASN B 55 -15.06 -18.43 -10.25
C ASN B 55 -13.94 -19.46 -10.14
N GLN B 56 -13.73 -20.20 -11.23
CA GLN B 56 -12.63 -21.13 -11.35
C GLN B 56 -11.57 -20.51 -12.24
N THR B 57 -10.49 -21.24 -12.46
CA THR B 57 -9.27 -20.68 -12.99
C THR B 57 -8.99 -21.41 -14.31
N ASP B 58 -8.53 -20.69 -15.35
CA ASP B 58 -8.27 -21.27 -16.66
C ASP B 58 -6.84 -20.97 -17.08
N LYS B 59 -6.13 -22.01 -17.56
CA LYS B 59 -4.68 -21.96 -17.74
C LYS B 59 -4.35 -21.53 -19.16
N LEU B 60 -3.51 -20.48 -19.29
CA LEU B 60 -3.39 -19.73 -20.53
C LEU B 60 -2.07 -20.01 -21.21
N ALA B 61 -1.03 -20.01 -20.37
CA ALA B 61 0.36 -20.23 -20.75
C ALA B 61 1.11 -20.59 -19.48
N ALA B 62 2.39 -20.96 -19.64
CA ALA B 62 3.18 -21.47 -18.54
C ALA B 62 4.65 -21.21 -18.82
N PHE B 63 5.46 -21.29 -17.76
CA PHE B 63 6.90 -21.42 -17.83
C PHE B 63 7.39 -22.61 -17.00
N PRO B 64 8.07 -23.61 -17.63
CA PRO B 64 8.38 -23.60 -19.06
C PRO B 64 7.16 -23.89 -19.95
N GLU B 65 7.33 -23.67 -21.26
CA GLU B 65 6.20 -23.58 -22.20
C GLU B 65 5.61 -24.96 -22.52
N ASP B 66 4.31 -24.95 -22.91
CA ASP B 66 3.51 -26.14 -23.15
C ASP B 66 2.97 -26.67 -21.81
N SER B 74 -0.89 -19.53 -29.66
CA SER B 74 -1.84 -18.72 -28.84
C SER B 74 -1.24 -17.34 -28.58
N ARG B 75 -2.09 -16.41 -28.09
CA ARG B 75 -1.71 -15.02 -27.88
C ARG B 75 -1.02 -14.82 -26.53
N PHE B 76 -1.05 -15.82 -25.65
CA PHE B 76 -0.56 -15.67 -24.29
C PHE B 76 0.79 -16.36 -24.15
N ARG B 77 1.84 -15.56 -23.91
CA ARG B 77 3.18 -16.09 -23.69
C ARG B 77 3.66 -15.75 -22.28
N VAL B 78 4.51 -16.63 -21.73
CA VAL B 78 5.33 -16.33 -20.57
C VAL B 78 6.82 -16.28 -20.96
N THR B 79 7.47 -15.15 -20.72
CA THR B 79 8.88 -14.96 -21.03
C THR B 79 9.62 -14.66 -19.74
N GLN B 80 10.73 -15.37 -19.53
CA GLN B 80 11.52 -15.21 -18.31
C GLN B 80 12.54 -14.11 -18.52
N LEU B 81 12.61 -13.18 -17.58
CA LEU B 81 13.55 -12.10 -17.77
C LEU B 81 14.92 -12.52 -17.22
N PRO B 82 16.00 -11.80 -17.61
CA PRO B 82 17.36 -12.08 -17.13
C PRO B 82 17.49 -12.23 -15.62
N ASN B 83 16.89 -11.32 -14.84
CA ASN B 83 17.06 -11.35 -13.39
C ASN B 83 16.59 -12.70 -12.85
N GLY B 84 15.76 -13.43 -13.61
CA GLY B 84 15.35 -14.77 -13.26
C GLY B 84 14.11 -14.78 -12.37
N ARG B 85 13.99 -13.79 -11.48
CA ARG B 85 12.86 -13.59 -10.59
C ARG B 85 11.61 -13.19 -11.37
N ASP B 86 11.81 -12.41 -12.44
CA ASP B 86 10.71 -11.77 -13.14
C ASP B 86 10.34 -12.50 -14.42
N PHE B 87 9.03 -12.48 -14.70
CA PHE B 87 8.45 -13.12 -15.87
C PHE B 87 7.41 -12.22 -16.53
N HIS B 88 7.57 -11.94 -17.83
CA HIS B 88 6.53 -11.27 -18.61
C HIS B 88 5.43 -12.26 -18.97
N MET B 89 4.18 -11.85 -18.72
CA MET B 89 3.03 -12.61 -19.16
C MET B 89 2.25 -11.71 -20.10
N SER B 90 2.39 -11.99 -21.39
CA SER B 90 2.02 -11.06 -22.46
C SER B 90 0.83 -11.62 -23.22
N VAL B 91 -0.21 -10.79 -23.41
CA VAL B 91 -1.29 -11.00 -24.36
C VAL B 91 -0.95 -10.16 -25.60
N VAL B 92 -1.04 -10.80 -26.75
CA VAL B 92 -1.01 -10.08 -28.01
C VAL B 92 -2.41 -10.01 -28.61
N ARG B 93 -2.63 -8.93 -29.37
CA ARG B 93 -3.89 -8.54 -30.01
C ARG B 93 -5.09 -8.75 -29.09
N ALA B 94 -5.15 -7.87 -28.07
CA ALA B 94 -6.18 -7.89 -27.05
C ALA B 94 -7.58 -7.72 -27.65
N ARG B 95 -8.55 -8.33 -26.99
CA ARG B 95 -9.94 -8.17 -27.36
C ARG B 95 -10.72 -7.78 -26.10
N ARG B 96 -11.87 -7.12 -26.31
CA ARG B 96 -12.80 -6.83 -25.22
C ARG B 96 -13.02 -8.08 -24.36
N ASN B 97 -13.13 -9.27 -24.97
CA ASN B 97 -13.40 -10.47 -24.20
C ASN B 97 -12.20 -10.88 -23.33
N ASP B 98 -10.99 -10.35 -23.60
CA ASP B 98 -9.85 -10.54 -22.71
C ASP B 98 -10.00 -9.78 -21.39
N SER B 99 -10.88 -8.77 -21.33
CA SER B 99 -11.15 -8.07 -20.09
C SER B 99 -11.57 -9.05 -19.01
N GLY B 100 -10.92 -8.93 -17.84
CA GLY B 100 -11.22 -9.70 -16.63
C GLY B 100 -10.02 -9.81 -15.69
N THR B 101 -10.07 -10.88 -14.88
CA THR B 101 -9.26 -11.07 -13.69
C THR B 101 -8.23 -12.15 -14.00
N TYR B 102 -6.95 -11.85 -13.71
CA TYR B 102 -5.84 -12.76 -13.94
C TYR B 102 -4.97 -12.92 -12.70
N LEU B 103 -4.29 -14.06 -12.64
CA LEU B 103 -3.29 -14.33 -11.61
C LEU B 103 -2.26 -15.29 -12.17
N CYS B 104 -1.09 -15.33 -11.51
CA CYS B 104 -0.09 -16.35 -11.76
C CYS B 104 0.00 -17.28 -10.55
N GLY B 105 0.54 -18.47 -10.76
CA GLY B 105 0.63 -19.46 -9.69
C GLY B 105 1.81 -20.39 -9.93
N ALA B 106 2.53 -20.72 -8.85
CA ALA B 106 3.64 -21.65 -8.89
C ALA B 106 3.23 -22.96 -8.23
N ILE B 107 3.58 -24.11 -8.84
CA ILE B 107 3.38 -25.43 -8.23
C ILE B 107 4.73 -25.99 -7.77
N GLN B 114 0.72 -28.76 -4.83
CA GLN B 114 -0.44 -27.85 -4.63
C GLN B 114 0.01 -26.40 -4.87
N ILE B 115 -0.78 -25.61 -5.63
CA ILE B 115 -0.24 -24.40 -6.25
C ILE B 115 -0.32 -23.25 -5.24
N LYS B 116 0.65 -22.32 -5.37
CA LYS B 116 0.69 -21.08 -4.63
C LYS B 116 0.36 -19.95 -5.59
N GLU B 117 -0.77 -19.27 -5.33
CA GLU B 117 -1.36 -18.32 -6.24
C GLU B 117 -1.01 -16.92 -5.81
N SER B 118 -0.80 -16.06 -6.80
CA SER B 118 -0.68 -14.64 -6.57
C SER B 118 -2.01 -14.03 -6.23
N LEU B 119 -1.93 -12.75 -5.82
CA LEU B 119 -3.07 -11.89 -5.73
C LEU B 119 -3.53 -11.58 -7.15
N ARG B 120 -4.84 -11.32 -7.29
CA ARG B 120 -5.45 -11.10 -8.59
C ARG B 120 -5.03 -9.75 -9.16
N ALA B 121 -5.06 -9.66 -10.49
CA ALA B 121 -4.93 -8.37 -11.16
C ALA B 121 -5.92 -8.33 -12.32
N GLU B 122 -6.10 -7.13 -12.87
CA GLU B 122 -7.13 -6.94 -13.86
C GLU B 122 -6.57 -6.39 -15.16
N LEU B 123 -7.10 -6.93 -16.25
CA LEU B 123 -7.01 -6.37 -17.57
C LEU B 123 -8.37 -5.84 -17.99
N ARG B 124 -8.37 -4.60 -18.51
CA ARG B 124 -9.50 -4.04 -19.25
C ARG B 124 -9.01 -3.64 -20.64
N VAL B 125 -9.72 -4.04 -21.69
CA VAL B 125 -9.36 -3.70 -23.07
C VAL B 125 -10.46 -2.84 -23.67
N THR B 126 -10.15 -1.58 -23.99
CA THR B 126 -11.21 -0.66 -24.41
C THR B 126 -11.54 -0.80 -25.89
N GLU B 127 -12.72 -0.29 -26.30
CA GLU B 127 -13.10 -0.27 -27.70
C GLU B 127 -12.28 0.78 -28.45
N ARG B 128 -11.80 0.46 -29.65
CA ARG B 128 -10.90 1.34 -30.39
C ARG B 128 -11.62 2.60 -30.91
N GLU C 1 26.74 -5.69 23.14
CA GLU C 1 25.31 -5.83 22.74
C GLU C 1 24.56 -6.52 23.86
N ASN C 2 23.24 -6.34 23.85
CA ASN C 2 22.36 -7.01 24.80
C ASN C 2 22.08 -8.43 24.31
N GLN C 3 22.90 -9.39 24.73
CA GLN C 3 22.77 -10.79 24.36
C GLN C 3 21.49 -11.36 24.96
N LEU C 4 20.74 -12.09 24.14
CA LEU C 4 19.59 -12.81 24.62
C LEU C 4 19.96 -14.29 24.66
N THR C 5 19.55 -14.94 25.78
CA THR C 5 19.85 -16.33 26.04
C THR C 5 18.53 -17.04 26.32
N GLN C 6 18.24 -18.07 25.52
CA GLN C 6 17.00 -18.83 25.68
C GLN C 6 17.35 -20.16 26.35
N SER C 7 16.42 -20.69 27.17
CA SER C 7 16.46 -21.96 27.87
C SER C 7 15.17 -22.75 27.74
N PRO C 8 15.19 -24.08 27.54
CA PRO C 8 16.33 -24.81 27.02
C PRO C 8 16.45 -24.64 25.50
N SER C 9 17.39 -25.34 24.88
CA SER C 9 17.63 -25.15 23.46
C SER C 9 16.87 -26.18 22.65
N SER C 10 16.56 -27.31 23.31
CA SER C 10 15.65 -28.31 22.83
C SER C 10 14.78 -28.74 24.03
N LEU C 11 13.47 -28.85 23.81
CA LEU C 11 12.52 -29.25 24.82
C LEU C 11 11.58 -30.26 24.20
N SER C 12 11.09 -31.21 25.02
CA SER C 12 10.25 -32.30 24.55
C SER C 12 8.89 -32.26 25.26
N ALA C 13 7.80 -32.42 24.50
CA ALA C 13 6.47 -32.42 25.11
C ALA C 13 5.46 -33.03 24.13
N SER C 14 4.27 -33.37 24.65
CA SER C 14 3.25 -34.06 23.88
C SER C 14 2.15 -33.10 23.45
N VAL C 15 1.57 -33.41 22.29
CA VAL C 15 0.30 -32.85 21.85
C VAL C 15 -0.65 -32.80 23.05
N GLY C 16 -1.22 -31.63 23.31
CA GLY C 16 -2.11 -31.41 24.43
C GLY C 16 -1.41 -30.92 25.68
N ASP C 17 -0.07 -31.06 25.79
CA ASP C 17 0.67 -30.59 26.96
C ASP C 17 0.89 -29.07 26.89
N ARG C 18 1.33 -28.51 28.01
CA ARG C 18 1.80 -27.14 28.10
C ARG C 18 3.31 -27.12 28.00
N VAL C 19 3.92 -26.03 27.49
CA VAL C 19 5.36 -25.80 27.63
C VAL C 19 5.65 -24.32 27.87
N THR C 20 6.79 -24.06 28.54
CA THR C 20 7.24 -22.72 28.88
C THR C 20 8.71 -22.59 28.47
N ILE C 21 8.98 -21.59 27.61
CA ILE C 21 10.29 -21.28 27.08
C ILE C 21 10.72 -20.01 27.78
N THR C 22 12.02 -19.86 27.97
CA THR C 22 12.55 -18.76 28.76
C THR C 22 13.47 -17.97 27.86
N CYS C 23 13.43 -16.65 28.00
CA CYS C 23 14.35 -15.75 27.33
C CYS C 23 14.84 -14.79 28.40
N ARG C 24 16.15 -14.88 28.68
CA ARG C 24 16.81 -14.01 29.65
C ARG C 24 17.70 -13.05 28.86
N ALA C 25 17.57 -11.76 29.18
CA ALA C 25 18.34 -10.75 28.50
C ALA C 25 19.54 -10.37 29.37
N SER C 26 20.68 -10.09 28.74
CA SER C 26 21.89 -9.80 29.51
C SER C 26 21.73 -8.45 30.22
N SER C 27 20.92 -7.55 29.68
CA SER C 27 20.59 -6.29 30.33
C SER C 27 19.09 -6.03 30.26
N SER C 28 18.59 -5.14 31.11
CA SER C 28 17.16 -4.91 31.19
C SER C 28 16.61 -4.28 29.91
N VAL C 29 15.39 -4.71 29.54
CA VAL C 29 14.73 -4.32 28.30
C VAL C 29 13.34 -3.80 28.68
N ILE C 30 12.96 -2.63 28.15
CA ILE C 30 11.58 -2.15 28.23
C ILE C 30 10.69 -3.17 27.53
N SER C 31 9.56 -3.55 28.15
CA SER C 31 8.92 -4.78 27.74
C SER C 31 8.21 -4.59 26.40
N SER C 32 7.93 -3.34 26.02
CA SER C 32 7.26 -3.10 24.75
C SER C 32 8.12 -3.61 23.59
N TYR C 33 9.44 -3.79 23.80
CA TYR C 33 10.39 -3.98 22.72
C TYR C 33 10.97 -5.38 22.74
N LEU C 34 10.22 -6.36 23.26
CA LEU C 34 10.67 -7.75 23.28
C LEU C 34 9.61 -8.61 22.62
N HIS C 35 10.01 -9.51 21.69
CA HIS C 35 9.07 -10.12 20.76
C HIS C 35 9.45 -11.60 20.49
N TRP C 36 8.48 -12.41 20.07
CA TRP C 36 8.71 -13.82 19.83
C TRP C 36 8.33 -14.24 18.40
N TYR C 37 9.12 -15.15 17.84
CA TYR C 37 8.93 -15.68 16.50
C TYR C 37 8.86 -17.21 16.58
N GLN C 38 8.11 -17.78 15.61
CA GLN C 38 8.07 -19.20 15.36
C GLN C 38 8.63 -19.44 13.96
N GLN C 39 9.46 -20.48 13.82
CA GLN C 39 10.07 -20.78 12.54
C GLN C 39 9.93 -22.28 12.29
N LYS C 40 9.26 -22.63 11.20
CA LYS C 40 9.21 -24.01 10.78
C LYS C 40 10.33 -24.23 9.75
N PRO C 41 10.81 -25.48 9.56
CA PRO C 41 11.95 -25.72 8.70
C PRO C 41 11.70 -25.28 7.25
N GLY C 42 12.68 -24.59 6.65
CA GLY C 42 12.62 -24.11 5.27
C GLY C 42 12.02 -22.70 5.14
N LYS C 43 11.20 -22.30 6.12
CA LYS C 43 10.35 -21.11 6.03
C LYS C 43 10.94 -19.95 6.84
N ALA C 44 10.51 -18.73 6.53
CA ALA C 44 10.90 -17.55 7.30
C ALA C 44 10.30 -17.55 8.71
N PRO C 45 10.95 -16.88 9.69
CA PRO C 45 10.31 -16.71 10.97
C PRO C 45 9.01 -15.96 10.79
N LYS C 46 8.08 -16.21 11.71
CA LYS C 46 6.83 -15.51 11.77
C LYS C 46 6.66 -14.90 13.17
N LEU C 47 6.24 -13.65 13.22
CA LEU C 47 5.98 -12.97 14.48
C LEU C 47 4.83 -13.70 15.15
N LEU C 48 4.98 -13.93 16.47
CA LEU C 48 4.05 -14.71 17.28
C LEU C 48 3.48 -13.82 18.37
N ILE C 49 4.41 -13.20 19.12
CA ILE C 49 4.10 -12.30 20.22
C ILE C 49 4.92 -11.02 20.02
N TYR C 50 4.30 -9.85 20.19
CA TYR C 50 5.04 -8.60 20.16
C TYR C 50 4.81 -7.90 21.49
N SER C 51 5.74 -7.02 21.86
CA SER C 51 5.68 -6.28 23.10
C SER C 51 5.32 -7.17 24.29
N THR C 52 6.07 -8.29 24.42
CA THR C 52 6.10 -9.20 25.56
C THR C 52 4.90 -10.14 25.61
N SER C 53 3.68 -9.60 25.42
CA SER C 53 2.48 -10.39 25.70
C SER C 53 1.35 -10.21 24.71
N ASN C 54 1.53 -9.58 23.54
CA ASN C 54 0.39 -9.44 22.62
C ASN C 54 0.50 -10.41 21.46
N LEU C 55 -0.59 -11.13 21.17
CA LEU C 55 -0.58 -12.07 20.07
C LEU C 55 -0.49 -11.27 18.79
N ALA C 56 0.28 -11.78 17.83
CA ALA C 56 0.29 -11.22 16.50
C ALA C 56 -0.97 -11.67 15.78
N SER C 57 -1.26 -10.96 14.68
CA SER C 57 -2.43 -11.14 13.86
C SER C 57 -2.48 -12.58 13.35
N GLY C 58 -3.58 -13.29 13.68
CA GLY C 58 -3.83 -14.64 13.20
C GLY C 58 -3.11 -15.71 14.01
N VAL C 59 -2.68 -15.35 15.23
CA VAL C 59 -1.99 -16.28 16.11
C VAL C 59 -3.03 -16.80 17.09
N PRO C 60 -3.09 -18.13 17.32
CA PRO C 60 -4.08 -18.70 18.23
C PRO C 60 -3.78 -18.42 19.72
N SER C 61 -4.81 -18.47 20.56
CA SER C 61 -4.67 -17.93 21.90
C SER C 61 -4.13 -18.99 22.85
N ARG C 62 -3.87 -20.20 22.33
CA ARG C 62 -3.07 -21.16 23.06
C ARG C 62 -1.65 -20.60 23.22
N PHE C 63 -1.33 -19.48 22.55
CA PHE C 63 -0.01 -18.86 22.68
C PHE C 63 -0.12 -17.63 23.58
N SER C 64 0.87 -17.44 24.46
CA SER C 64 0.90 -16.30 25.35
C SER C 64 2.32 -16.01 25.76
N GLY C 65 2.57 -14.74 26.08
CA GLY C 65 3.89 -14.32 26.48
C GLY C 65 3.77 -13.48 27.74
N SER C 66 4.88 -13.42 28.50
CA SER C 66 4.91 -12.75 29.78
C SER C 66 6.34 -12.34 30.11
N GLY C 67 6.49 -11.52 31.16
CA GLY C 67 7.79 -11.21 31.72
C GLY C 67 8.09 -9.70 31.77
N SER C 68 9.28 -9.33 32.29
CA SER C 68 9.79 -7.96 32.31
C SER C 68 11.24 -7.91 32.79
N GLY C 69 11.82 -6.73 32.71
CA GLY C 69 13.21 -6.58 33.07
C GLY C 69 14.11 -7.35 32.11
N THR C 70 14.64 -8.48 32.59
CA THR C 70 15.58 -9.30 31.84
C THR C 70 14.98 -10.67 31.58
N ASP C 71 13.82 -10.96 32.21
CA ASP C 71 13.26 -12.31 32.28
C ASP C 71 11.90 -12.43 31.57
N TYR C 72 11.91 -13.00 30.36
CA TYR C 72 10.68 -13.20 29.62
C TYR C 72 10.46 -14.68 29.37
N THR C 73 9.19 -15.04 29.14
CA THR C 73 8.77 -16.40 28.88
C THR C 73 7.70 -16.40 27.80
N LEU C 74 7.49 -17.60 27.24
CA LEU C 74 6.48 -17.87 26.24
C LEU C 74 5.80 -19.16 26.66
N THR C 75 4.47 -19.21 26.58
CA THR C 75 3.75 -20.42 27.00
C THR C 75 2.82 -20.83 25.89
N ILE C 76 2.87 -22.12 25.49
CA ILE C 76 1.86 -22.75 24.66
C ILE C 76 1.09 -23.67 25.59
N SER C 77 -0.23 -23.44 25.74
CA SER C 77 -1.02 -24.10 26.76
C SER C 77 -1.49 -25.49 26.30
N SER C 78 -1.56 -25.73 24.98
CA SER C 78 -2.26 -26.87 24.45
C SER C 78 -1.62 -27.30 23.12
N LEU C 79 -0.43 -27.91 23.23
CA LEU C 79 0.38 -28.14 22.05
C LEU C 79 -0.47 -28.79 20.98
N GLN C 80 -0.43 -28.21 19.77
CA GLN C 80 -0.91 -28.86 18.57
C GLN C 80 0.27 -29.38 17.76
N PRO C 81 0.02 -30.37 16.88
CA PRO C 81 1.08 -30.88 16.03
C PRO C 81 1.80 -29.81 15.21
N GLU C 82 1.10 -28.74 14.78
CA GLU C 82 1.69 -27.68 13.94
C GLU C 82 2.71 -26.83 14.71
N ASP C 83 2.80 -26.99 16.05
CA ASP C 83 3.51 -26.10 16.93
C ASP C 83 4.92 -26.61 17.22
N PHE C 84 5.26 -27.80 16.73
CA PHE C 84 6.63 -28.30 16.84
C PHE C 84 7.48 -27.58 15.80
N ALA C 85 8.35 -26.72 16.29
CA ALA C 85 9.00 -25.69 15.52
C ALA C 85 10.14 -25.16 16.36
N THR C 86 10.84 -24.13 15.86
CA THR C 86 11.81 -23.44 16.70
C THR C 86 11.18 -22.11 17.14
N TYR C 87 11.45 -21.66 18.35
CA TYR C 87 10.94 -20.38 18.83
C TYR C 87 12.12 -19.48 19.15
N TYR C 88 12.09 -18.19 18.73
CA TYR C 88 13.14 -17.21 18.98
C TYR C 88 12.58 -15.94 19.60
N CYS C 89 13.31 -15.41 20.58
CA CYS C 89 13.01 -14.13 21.16
C CYS C 89 13.90 -13.10 20.48
N GLN C 90 13.53 -11.81 20.60
CA GLN C 90 14.23 -10.70 19.96
C GLN C 90 13.95 -9.42 20.72
N GLN C 91 14.94 -8.52 20.71
CA GLN C 91 14.94 -7.27 21.46
C GLN C 91 15.08 -6.10 20.49
N TYR C 92 14.30 -5.03 20.69
CA TYR C 92 14.42 -3.78 19.94
C TYR C 92 14.60 -2.59 20.91
N ASN C 93 15.16 -2.85 22.10
CA ASN C 93 15.51 -1.86 23.10
C ASN C 93 16.78 -1.09 22.68
N SER C 94 17.77 -1.76 22.08
CA SER C 94 19.02 -1.12 21.68
C SER C 94 19.53 -1.75 20.37
N TYR C 95 20.30 -0.95 19.64
CA TYR C 95 21.14 -1.50 18.59
C TYR C 95 22.45 -1.99 19.18
N PRO C 96 23.05 -3.12 18.71
CA PRO C 96 22.46 -3.95 17.66
C PRO C 96 21.30 -4.80 18.16
N LEU C 97 20.34 -4.97 17.25
CA LEU C 97 19.23 -5.89 17.47
C LEU C 97 19.81 -7.25 17.80
N THR C 98 19.21 -7.95 18.74
CA THR C 98 19.68 -9.27 19.04
C THR C 98 18.50 -10.22 19.13
N PHE C 99 18.79 -11.48 18.81
CA PHE C 99 17.83 -12.57 18.85
C PHE C 99 18.37 -13.65 19.76
N GLY C 100 17.48 -14.39 20.38
CA GLY C 100 17.94 -15.50 21.18
C GLY C 100 18.38 -16.63 20.27
N GLY C 101 18.97 -17.66 20.86
CA GLY C 101 19.65 -18.69 20.12
C GLY C 101 18.67 -19.71 19.59
N GLY C 102 17.47 -19.72 20.15
CA GLY C 102 16.41 -20.58 19.68
C GLY C 102 16.08 -21.65 20.70
N THR C 103 14.79 -21.94 20.85
CA THR C 103 14.32 -23.16 21.51
C THR C 103 13.55 -24.00 20.51
N LYS C 104 13.99 -25.24 20.33
CA LYS C 104 13.37 -26.17 19.43
C LYS C 104 12.49 -27.14 20.21
N LEU C 105 11.23 -27.22 19.83
CA LEU C 105 10.23 -27.97 20.56
C LEU C 105 10.03 -29.29 19.83
N GLU C 106 10.26 -30.40 20.56
CA GLU C 106 10.17 -31.73 19.98
C GLU C 106 9.11 -32.59 20.68
N ILE C 107 8.72 -33.68 20.02
CA ILE C 107 7.58 -34.50 20.39
C ILE C 107 8.02 -35.55 21.41
N LYS C 108 7.52 -35.47 22.63
CA LYS C 108 7.82 -36.49 23.61
C LYS C 108 7.07 -37.76 23.25
N ARG C 109 7.69 -38.90 23.58
CA ARG C 109 7.31 -40.25 23.19
C ARG C 109 7.87 -41.22 24.23
N THR C 110 7.44 -42.51 24.26
CA THR C 110 8.04 -43.48 25.16
C THR C 110 9.49 -43.77 24.73
N VAL C 111 10.30 -44.33 25.65
CA VAL C 111 11.66 -44.73 25.30
C VAL C 111 11.65 -45.82 24.23
N ALA C 112 12.54 -45.72 23.27
CA ALA C 112 12.74 -46.80 22.32
C ALA C 112 14.24 -47.00 22.08
N ALA C 113 14.67 -48.27 22.23
CA ALA C 113 16.02 -48.75 22.01
C ALA C 113 16.36 -48.75 20.53
N PRO C 114 17.60 -48.37 20.11
CA PRO C 114 17.96 -48.46 18.71
C PRO C 114 18.21 -49.91 18.35
N SER C 115 17.97 -50.26 17.09
CA SER C 115 18.62 -51.37 16.44
C SER C 115 19.90 -50.82 15.83
N VAL C 116 21.02 -51.54 16.03
CA VAL C 116 22.32 -51.10 15.53
C VAL C 116 22.77 -52.03 14.40
N PHE C 117 23.27 -51.39 13.34
CA PHE C 117 23.81 -52.08 12.19
C PHE C 117 25.14 -51.41 11.83
N ILE C 118 26.08 -52.19 11.26
CA ILE C 118 27.41 -51.66 10.91
C ILE C 118 27.70 -52.01 9.47
N PHE C 119 28.16 -51.05 8.69
CA PHE C 119 28.40 -51.33 7.29
C PHE C 119 29.88 -51.12 6.96
N PRO C 120 30.54 -52.19 6.46
CA PRO C 120 31.92 -52.07 6.05
C PRO C 120 32.00 -51.16 4.82
N PRO C 121 33.16 -50.58 4.46
CA PRO C 121 33.24 -49.84 3.21
C PRO C 121 32.95 -50.77 2.04
N SER C 122 32.40 -50.25 0.94
CA SER C 122 32.24 -51.06 -0.25
C SER C 122 33.60 -51.19 -0.91
N ASP C 123 33.84 -52.36 -1.51
CA ASP C 123 34.93 -52.56 -2.43
C ASP C 123 34.94 -51.41 -3.43
N GLU C 124 33.75 -51.13 -3.99
CA GLU C 124 33.61 -50.06 -4.96
C GLU C 124 34.36 -48.84 -4.43
N GLN C 125 34.13 -48.45 -3.17
CA GLN C 125 34.74 -47.25 -2.61
C GLN C 125 36.24 -47.41 -2.34
N LEU C 126 36.69 -48.62 -1.97
CA LEU C 126 38.08 -48.88 -1.56
C LEU C 126 39.05 -48.70 -2.72
N LYS C 127 38.63 -49.08 -3.93
CA LYS C 127 39.36 -48.75 -5.15
C LYS C 127 39.75 -47.28 -5.22
N SER C 128 38.85 -46.39 -4.78
CA SER C 128 39.03 -44.96 -4.93
C SER C 128 40.12 -44.43 -3.98
N GLY C 129 40.47 -45.19 -2.93
CA GLY C 129 41.51 -44.77 -1.99
C GLY C 129 40.97 -44.26 -0.64
N THR C 130 39.65 -44.37 -0.40
CA THR C 130 39.03 -43.95 0.87
C THR C 130 38.10 -45.04 1.37
N ALA C 131 37.85 -45.04 2.69
CA ALA C 131 37.02 -46.05 3.33
C ALA C 131 36.13 -45.38 4.35
N SER C 132 34.81 -45.54 4.19
CA SER C 132 33.84 -45.03 5.12
C SER C 132 33.23 -46.23 5.81
N VAL C 133 33.08 -46.16 7.12
CA VAL C 133 32.49 -47.25 7.87
C VAL C 133 31.26 -46.69 8.56
N VAL C 134 30.10 -47.26 8.27
CA VAL C 134 28.89 -46.67 8.78
C VAL C 134 28.27 -47.59 9.82
N CYS C 135 28.04 -46.96 10.97
CA CYS C 135 27.26 -47.53 12.03
C CYS C 135 25.90 -46.80 12.08
N LEU C 136 24.81 -47.57 12.02
CA LEU C 136 23.45 -47.03 12.04
C LEU C 136 22.76 -47.39 13.35
N LEU C 137 22.20 -46.36 13.99
CA LEU C 137 21.28 -46.52 15.12
C LEU C 137 19.91 -46.14 14.60
N ASN C 138 18.97 -47.07 14.67
CA ASN C 138 17.70 -46.93 13.98
C ASN C 138 16.54 -46.87 14.97
N ASN C 139 15.70 -45.83 14.86
CA ASN C 139 14.37 -45.78 15.47
C ASN C 139 14.44 -45.80 16.99
N PHE C 140 15.10 -44.78 17.54
CA PHE C 140 15.31 -44.73 18.99
C PHE C 140 14.72 -43.46 19.61
N TYR C 141 14.47 -43.53 20.91
CA TYR C 141 14.01 -42.37 21.66
C TYR C 141 14.40 -42.51 23.13
N PRO C 142 14.89 -41.44 23.81
CA PRO C 142 15.11 -40.13 23.23
C PRO C 142 16.40 -40.05 22.42
N ARG C 143 16.82 -38.84 22.09
CA ARG C 143 17.78 -38.59 21.03
C ARG C 143 19.22 -38.89 21.49
N GLU C 144 19.49 -38.69 22.78
CA GLU C 144 20.84 -38.83 23.30
C GLU C 144 21.26 -40.30 23.22
N ALA C 145 22.49 -40.51 22.76
CA ALA C 145 23.07 -41.83 22.56
C ALA C 145 24.57 -41.63 22.57
N LYS C 146 25.29 -42.69 22.94
CA LYS C 146 26.74 -42.70 22.93
C LYS C 146 27.17 -43.80 21.99
N VAL C 147 27.90 -43.41 20.97
CA VAL C 147 28.35 -44.27 19.90
C VAL C 147 29.88 -44.17 19.87
N GLN C 148 30.58 -45.30 20.07
CA GLN C 148 32.03 -45.27 20.16
C GLN C 148 32.62 -46.18 19.10
N TRP C 149 33.77 -45.80 18.58
CA TRP C 149 34.41 -46.66 17.60
C TRP C 149 35.62 -47.31 18.25
N LYS C 150 35.76 -48.63 18.03
CA LYS C 150 37.02 -49.33 18.29
C LYS C 150 37.49 -50.00 17.01
N VAL C 151 38.78 -49.83 16.73
CA VAL C 151 39.45 -50.52 15.64
C VAL C 151 40.59 -51.29 16.31
N ASP C 152 40.48 -52.64 16.33
CA ASP C 152 41.47 -53.48 17.00
C ASP C 152 41.61 -53.03 18.44
N ASN C 153 40.47 -52.73 19.05
CA ASN C 153 40.38 -52.42 20.47
C ASN C 153 40.91 -51.03 20.81
N ALA C 154 41.29 -50.19 19.83
CA ALA C 154 41.70 -48.83 20.12
C ALA C 154 40.51 -47.90 19.97
N LEU C 155 40.16 -47.15 21.03
CA LEU C 155 39.19 -46.07 20.91
C LEU C 155 39.64 -45.05 19.88
N GLN C 156 38.71 -44.61 19.01
CA GLN C 156 38.98 -43.62 17.97
C GLN C 156 38.44 -42.24 18.31
N SER C 157 39.15 -41.20 17.88
CA SER C 157 38.61 -39.85 18.01
C SER C 157 39.20 -38.92 16.96
N GLY C 158 38.40 -37.92 16.62
CA GLY C 158 38.73 -36.96 15.58
C GLY C 158 38.23 -37.38 14.21
N ASN C 159 37.94 -38.67 14.01
CA ASN C 159 37.87 -39.22 12.67
C ASN C 159 36.46 -39.77 12.31
N SER C 160 35.42 -39.37 13.08
CA SER C 160 34.06 -39.79 12.83
C SER C 160 33.15 -38.58 12.91
N GLN C 161 32.01 -38.67 12.25
CA GLN C 161 31.02 -37.61 12.28
C GLN C 161 29.64 -38.26 12.42
N GLU C 162 28.82 -37.65 13.28
CA GLU C 162 27.45 -38.08 13.49
C GLU C 162 26.46 -37.18 12.74
N SER C 163 25.38 -37.81 12.22
CA SER C 163 24.20 -37.12 11.73
C SER C 163 22.91 -37.75 12.31
N VAL C 164 21.96 -36.92 12.71
CA VAL C 164 20.71 -37.39 13.33
C VAL C 164 19.52 -36.88 12.53
N THR C 165 18.53 -37.75 12.23
CA THR C 165 17.31 -37.33 11.53
C THR C 165 16.41 -36.51 12.45
N GLU C 166 15.56 -35.67 11.83
CA GLU C 166 14.37 -35.14 12.49
C GLU C 166 13.46 -36.30 12.84
N GLN C 167 12.63 -36.11 13.87
CA GLN C 167 11.69 -37.11 14.32
C GLN C 167 10.91 -37.68 13.15
N ASP C 168 10.83 -39.00 13.06
CA ASP C 168 10.00 -39.65 12.07
C ASP C 168 8.58 -39.10 12.16
N SER C 169 7.96 -38.85 11.02
CA SER C 169 6.63 -38.25 10.97
C SER C 169 5.58 -39.23 11.50
N LYS C 170 5.88 -40.53 11.48
CA LYS C 170 5.01 -41.61 11.90
C LYS C 170 5.13 -41.93 13.39
N ASP C 171 6.35 -42.26 13.87
CA ASP C 171 6.52 -42.88 15.18
C ASP C 171 7.38 -42.02 16.11
N SER C 172 7.90 -40.89 15.63
CA SER C 172 8.49 -39.88 16.49
C SER C 172 9.88 -40.26 17.03
N THR C 173 10.54 -41.23 16.40
CA THR C 173 11.83 -41.74 16.83
C THR C 173 12.92 -41.03 16.05
N TYR C 174 14.16 -41.15 16.54
CA TYR C 174 15.27 -40.64 15.78
C TYR C 174 16.03 -41.80 15.15
N SER C 175 16.90 -41.45 14.19
CA SER C 175 17.91 -42.39 13.73
C SER C 175 19.20 -41.62 13.60
N LEU C 176 20.34 -42.32 13.63
CA LEU C 176 21.62 -41.67 13.70
C LEU C 176 22.63 -42.48 12.91
N SER C 177 23.41 -41.76 12.11
CA SER C 177 24.56 -42.33 11.43
C SER C 177 25.80 -41.89 12.19
N SER C 178 26.72 -42.83 12.38
CA SER C 178 28.08 -42.46 12.71
C SER C 178 28.95 -43.04 11.63
N THR C 179 29.77 -42.19 11.02
CA THR C 179 30.59 -42.59 9.89
C THR C 179 32.06 -42.30 10.23
N LEU C 180 32.88 -43.36 10.20
CA LEU C 180 34.32 -43.27 10.40
C LEU C 180 34.99 -43.16 9.04
N THR C 181 35.75 -42.09 8.83
CA THR C 181 36.41 -41.95 7.53
C THR C 181 37.90 -42.18 7.72
N LEU C 182 38.43 -43.17 6.98
CA LEU C 182 39.83 -43.56 7.01
C LEU C 182 40.37 -43.58 5.58
N SER C 183 41.68 -43.44 5.40
CA SER C 183 42.29 -43.76 4.13
C SER C 183 42.19 -45.27 3.93
N LYS C 184 42.18 -45.70 2.67
CA LYS C 184 42.27 -47.12 2.35
C LYS C 184 43.47 -47.72 3.07
N ALA C 185 44.59 -46.97 3.11
CA ALA C 185 45.81 -47.48 3.74
C ALA C 185 45.58 -47.75 5.23
N ASP C 186 45.13 -46.73 5.97
CA ASP C 186 44.83 -46.86 7.39
C ASP C 186 43.82 -47.98 7.58
N TYR C 187 42.76 -47.96 6.78
CA TYR C 187 41.75 -49.01 6.82
C TYR C 187 42.37 -50.41 6.69
N GLU C 188 43.32 -50.60 5.76
CA GLU C 188 43.84 -51.93 5.49
C GLU C 188 44.86 -52.35 6.54
N LYS C 189 45.26 -51.43 7.43
CA LYS C 189 46.26 -51.73 8.45
C LYS C 189 45.64 -52.35 9.70
N HIS C 190 44.31 -52.55 9.70
CA HIS C 190 43.62 -53.03 10.88
C HIS C 190 42.53 -54.00 10.45
N LYS C 191 42.06 -54.79 11.41
CA LYS C 191 41.23 -55.94 11.07
C LYS C 191 39.81 -55.80 11.60
N VAL C 192 39.63 -55.48 12.87
CA VAL C 192 38.29 -55.52 13.45
C VAL C 192 37.79 -54.09 13.69
N TYR C 193 36.60 -53.85 13.16
CA TYR C 193 35.94 -52.56 13.20
C TYR C 193 34.68 -52.77 14.04
N ALA C 194 34.58 -52.07 15.19
CA ALA C 194 33.43 -52.20 16.06
C ALA C 194 32.85 -50.83 16.41
N CYS C 195 31.52 -50.83 16.46
CA CYS C 195 30.70 -49.73 16.89
C CYS C 195 29.98 -50.19 18.16
N GLU C 196 30.12 -49.44 19.25
CA GLU C 196 29.41 -49.71 20.49
C GLU C 196 28.50 -48.53 20.85
N VAL C 197 27.25 -48.88 21.16
CA VAL C 197 26.15 -47.96 21.34
C VAL C 197 25.64 -48.12 22.76
N THR C 198 25.55 -47.00 23.45
CA THR C 198 24.91 -46.93 24.74
C THR C 198 23.68 -46.05 24.57
N HIS C 199 22.55 -46.48 25.16
CA HIS C 199 21.29 -45.78 25.06
C HIS C 199 20.39 -46.22 26.21
N GLN C 200 19.63 -45.29 26.76
CA GLN C 200 18.78 -45.58 27.92
C GLN C 200 17.82 -46.75 27.68
N GLY C 201 17.37 -47.00 26.43
CA GLY C 201 16.37 -48.01 26.16
C GLY C 201 16.94 -49.42 26.06
N LEU C 202 18.29 -49.51 26.07
CA LEU C 202 19.05 -50.75 26.06
C LEU C 202 19.33 -51.22 27.48
N SER C 203 19.57 -52.53 27.64
CA SER C 203 19.85 -53.12 28.95
C SER C 203 21.31 -52.85 29.29
N SER C 204 22.15 -53.12 28.31
CA SER C 204 23.55 -52.80 28.38
C SER C 204 24.01 -52.43 26.97
N PRO C 205 25.24 -51.90 26.80
CA PRO C 205 25.69 -51.45 25.50
C PRO C 205 25.58 -52.55 24.46
N VAL C 206 25.33 -52.16 23.20
CA VAL C 206 25.24 -53.11 22.10
C VAL C 206 26.47 -52.87 21.23
N THR C 207 27.14 -53.96 20.79
CA THR C 207 28.31 -53.84 19.93
C THR C 207 28.02 -54.53 18.61
N LYS C 208 28.35 -53.85 17.50
CA LYS C 208 28.35 -54.45 16.17
C LYS C 208 29.76 -54.33 15.58
N SER C 209 30.24 -55.47 15.06
CA SER C 209 31.58 -55.52 14.48
C SER C 209 31.61 -56.44 13.27
N PHE C 210 32.68 -56.27 12.48
CA PHE C 210 33.06 -57.13 11.37
C PHE C 210 34.59 -57.18 11.36
N ASN C 211 35.12 -58.20 10.69
CA ASN C 211 36.53 -58.30 10.36
C ASN C 211 36.70 -57.90 8.90
N ARG C 212 37.67 -57.04 8.61
CA ARG C 212 37.83 -56.50 7.28
C ARG C 212 37.78 -57.63 6.23
N GLN D 1 -2.11 -7.19 2.00
CA GLN D 1 -1.38 -7.74 0.82
C GLN D 1 0.06 -7.22 0.74
N VAL D 2 0.79 -7.17 1.86
CA VAL D 2 2.21 -6.85 1.84
C VAL D 2 3.02 -8.13 1.58
N GLN D 3 4.07 -8.05 0.72
CA GLN D 3 5.01 -9.15 0.58
C GLN D 3 6.39 -8.61 0.21
N LEU D 4 7.44 -9.22 0.78
CA LEU D 4 8.81 -8.91 0.39
C LEU D 4 9.38 -10.05 -0.45
N VAL D 5 9.85 -9.71 -1.65
CA VAL D 5 10.37 -10.73 -2.55
C VAL D 5 11.89 -10.55 -2.70
N GLN D 6 12.62 -11.64 -2.42
CA GLN D 6 14.07 -11.65 -2.39
C GLN D 6 14.58 -12.36 -3.63
N SER D 7 15.82 -12.02 -4.01
CA SER D 7 16.52 -12.67 -5.11
C SER D 7 16.82 -14.13 -4.75
N GLY D 8 17.14 -14.93 -5.78
CA GLY D 8 17.42 -16.35 -5.62
C GLY D 8 18.78 -16.64 -4.98
N ALA D 9 18.93 -17.90 -4.54
CA ALA D 9 20.10 -18.41 -3.87
C ALA D 9 21.33 -18.20 -4.73
N GLU D 10 22.49 -18.21 -4.09
CA GLU D 10 23.76 -17.86 -4.70
C GLU D 10 24.84 -18.72 -4.08
N VAL D 11 25.64 -19.38 -4.93
CA VAL D 11 26.81 -20.09 -4.44
C VAL D 11 28.05 -19.29 -4.82
N LYS D 12 28.98 -19.10 -3.88
CA LYS D 12 30.06 -18.15 -4.06
C LYS D 12 31.38 -18.71 -3.52
N LYS D 13 32.47 -18.29 -4.16
CA LYS D 13 33.82 -18.62 -3.72
C LYS D 13 34.24 -17.60 -2.66
N PRO D 14 35.14 -17.96 -1.71
CA PRO D 14 35.75 -16.98 -0.84
C PRO D 14 36.38 -15.80 -1.58
N GLY D 15 36.16 -14.58 -1.07
CA GLY D 15 36.70 -13.36 -1.65
C GLY D 15 35.70 -12.66 -2.57
N ALA D 16 34.64 -13.36 -3.01
CA ALA D 16 33.71 -12.79 -3.97
C ALA D 16 32.73 -11.86 -3.23
N SER D 17 31.77 -11.31 -3.99
CA SER D 17 30.76 -10.40 -3.49
C SER D 17 29.38 -10.94 -3.86
N VAL D 18 28.39 -10.72 -2.99
CA VAL D 18 26.99 -10.98 -3.29
C VAL D 18 26.21 -9.67 -3.15
N LYS D 19 25.20 -9.51 -4.02
CA LYS D 19 24.20 -8.47 -3.87
C LYS D 19 22.83 -9.13 -3.87
N VAL D 20 22.20 -9.22 -2.70
CA VAL D 20 20.87 -9.76 -2.54
C VAL D 20 19.85 -8.62 -2.62
N SER D 21 18.74 -8.85 -3.34
CA SER D 21 17.71 -7.83 -3.44
C SER D 21 16.52 -8.16 -2.54
N CYS D 22 15.80 -7.10 -2.13
CA CYS D 22 14.55 -7.19 -1.39
C CYS D 22 13.58 -6.19 -1.99
N LYS D 23 12.55 -6.68 -2.70
CA LYS D 23 11.59 -5.83 -3.35
C LYS D 23 10.27 -5.89 -2.60
N ALA D 24 9.70 -4.70 -2.37
CA ALA D 24 8.50 -4.56 -1.58
C ALA D 24 7.25 -4.49 -2.47
N PHE D 25 6.23 -5.24 -2.07
CA PHE D 25 4.91 -5.15 -2.66
C PHE D 25 3.89 -4.72 -1.62
N GLY D 26 2.98 -3.86 -2.08
CA GLY D 26 1.68 -3.69 -1.46
C GLY D 26 1.62 -2.61 -0.38
N TYR D 27 2.46 -1.57 -0.44
CA TYR D 27 2.38 -0.47 0.51
C TYR D 27 3.28 0.65 -0.01
N THR D 28 3.21 1.85 0.57
CA THR D 28 4.08 2.91 0.11
C THR D 28 5.50 2.60 0.60
N PHE D 29 6.38 2.35 -0.37
CA PHE D 29 7.76 1.92 -0.17
C PHE D 29 8.47 2.74 0.91
N THR D 30 8.24 4.06 0.94
CA THR D 30 9.00 4.89 1.87
C THR D 30 8.49 4.85 3.31
N THR D 31 7.34 4.25 3.60
CA THR D 31 6.74 4.37 4.92
C THR D 31 7.50 3.59 6.01
N TYR D 32 8.20 2.50 5.66
CA TYR D 32 8.83 1.64 6.67
C TYR D 32 10.27 1.38 6.30
N PRO D 33 11.16 1.28 7.32
CA PRO D 33 12.53 0.77 7.11
C PRO D 33 12.54 -0.72 6.77
N ILE D 34 13.54 -1.14 5.99
CA ILE D 34 13.78 -2.55 5.70
C ILE D 34 14.96 -3.03 6.54
N GLU D 35 14.73 -4.13 7.31
CA GLU D 35 15.70 -4.75 8.20
C GLU D 35 16.31 -5.97 7.50
N TRP D 36 17.64 -6.14 7.65
CA TRP D 36 18.35 -7.31 7.15
C TRP D 36 18.92 -8.17 8.27
N MET D 37 18.80 -9.47 8.08
CA MET D 37 19.17 -10.49 9.03
C MET D 37 19.79 -11.64 8.27
N ARG D 38 20.38 -12.58 9.00
CA ARG D 38 20.84 -13.84 8.44
C ARG D 38 20.86 -14.89 9.52
N GLN D 39 20.92 -16.15 9.08
CA GLN D 39 20.79 -17.28 9.96
C GLN D 39 21.59 -18.38 9.29
N ALA D 40 22.73 -18.76 9.88
CA ALA D 40 23.56 -19.81 9.29
C ALA D 40 22.78 -21.11 9.43
N PRO D 41 23.07 -22.19 8.65
CA PRO D 41 22.28 -23.41 8.73
C PRO D 41 22.20 -23.97 10.16
N GLY D 42 20.97 -24.35 10.56
CA GLY D 42 20.61 -24.74 11.93
C GLY D 42 21.31 -23.91 13.01
N LYS D 43 21.08 -22.60 13.06
CA LYS D 43 21.83 -21.78 14.02
C LYS D 43 20.93 -20.94 14.92
N GLY D 44 20.45 -19.81 14.38
CA GLY D 44 20.05 -18.64 15.14
C GLY D 44 20.22 -17.38 14.29
N LEU D 45 19.51 -16.31 14.64
CA LEU D 45 19.38 -15.13 13.79
C LEU D 45 20.32 -14.04 14.23
N GLU D 46 20.97 -13.40 13.25
CA GLU D 46 21.91 -12.33 13.52
C GLU D 46 21.47 -11.09 12.74
N TRP D 47 21.39 -9.92 13.39
CA TRP D 47 21.03 -8.70 12.68
C TRP D 47 22.21 -8.13 11.91
N ILE D 48 21.94 -7.72 10.66
CA ILE D 48 22.95 -7.11 9.84
C ILE D 48 22.90 -5.58 9.95
N GLY D 49 21.69 -5.03 9.77
CA GLY D 49 21.48 -3.59 9.66
C GLY D 49 20.15 -3.26 8.98
N ASN D 50 19.92 -1.96 8.68
CA ASN D 50 18.66 -1.52 8.08
C ASN D 50 18.84 -0.26 7.21
N PHE D 51 17.86 -0.10 6.33
CA PHE D 51 17.75 1.00 5.40
C PHE D 51 16.34 1.58 5.46
N HIS D 52 16.23 2.91 5.65
CA HIS D 52 14.95 3.59 5.64
C HIS D 52 14.80 4.35 4.32
N PRO D 53 13.95 3.88 3.37
CA PRO D 53 13.81 4.55 2.08
C PRO D 53 13.25 5.96 2.15
N TYR D 54 12.59 6.29 3.28
CA TYR D 54 12.13 7.63 3.60
C TYR D 54 13.24 8.66 3.41
N ASN D 55 14.41 8.40 4.02
CA ASN D 55 15.46 9.40 4.14
C ASN D 55 16.85 8.84 3.83
N ASP D 56 16.89 7.59 3.35
CA ASP D 56 18.11 6.86 3.02
C ASP D 56 19.05 6.65 4.21
N ASP D 57 18.55 6.69 5.46
CA ASP D 57 19.38 6.43 6.63
C ASP D 57 19.67 4.93 6.73
N THR D 58 20.92 4.62 7.11
CA THR D 58 21.34 3.25 7.36
C THR D 58 21.81 3.12 8.80
N LYS D 59 21.54 1.94 9.37
CA LYS D 59 22.10 1.46 10.61
C LYS D 59 22.70 0.08 10.35
N TYR D 60 23.96 -0.09 10.75
CA TYR D 60 24.65 -1.36 10.57
C TYR D 60 25.10 -1.87 11.93
N ASN D 61 25.20 -3.18 12.03
CA ASN D 61 25.87 -3.85 13.14
C ASN D 61 27.38 -3.73 12.89
N GLU D 62 28.12 -3.45 13.96
CA GLU D 62 29.57 -3.28 13.92
C GLU D 62 30.25 -4.46 13.22
N LYS D 63 29.76 -5.69 13.47
CA LYS D 63 30.32 -6.85 12.78
C LYS D 63 30.48 -6.54 11.29
N PHE D 64 29.42 -6.01 10.67
CA PHE D 64 29.39 -5.84 9.23
C PHE D 64 29.52 -4.37 8.81
N GLN D 65 29.83 -3.47 9.75
CA GLN D 65 30.24 -2.10 9.44
C GLN D 65 30.66 -1.98 7.97
N GLY D 66 31.85 -2.49 7.61
CA GLY D 66 32.41 -2.09 6.33
C GLY D 66 31.95 -2.99 5.18
N ARG D 67 31.87 -4.30 5.45
CA ARG D 67 31.78 -5.27 4.38
C ARG D 67 30.41 -5.24 3.71
N VAL D 68 29.38 -4.80 4.44
CA VAL D 68 28.03 -4.70 3.90
C VAL D 68 27.74 -3.23 3.53
N THR D 69 27.23 -3.04 2.31
CA THR D 69 26.56 -1.83 1.86
C THR D 69 25.06 -2.13 1.67
N LEU D 70 24.20 -1.33 2.32
CA LEU D 70 22.77 -1.33 1.99
C LEU D 70 22.46 -0.15 1.04
N THR D 71 21.86 -0.44 -0.12
CA THR D 71 21.41 0.61 -1.03
C THR D 71 19.96 0.37 -1.45
N VAL D 72 19.39 1.39 -2.11
CA VAL D 72 17.99 1.38 -2.50
C VAL D 72 17.86 1.75 -3.96
N ASP D 73 16.77 1.32 -4.58
CA ASP D 73 16.27 1.90 -5.81
C ASP D 73 14.76 2.08 -5.64
N LYS D 74 14.36 3.33 -5.40
CA LYS D 74 12.97 3.61 -5.05
C LYS D 74 12.05 3.31 -6.22
N SER D 75 12.52 3.61 -7.44
CA SER D 75 11.77 3.40 -8.67
C SER D 75 11.14 2.00 -8.68
N SER D 76 11.98 1.01 -8.32
CA SER D 76 11.62 -0.40 -8.29
C SER D 76 11.31 -0.91 -6.87
N THR D 77 11.33 0.00 -5.88
CA THR D 77 10.95 -0.30 -4.51
C THR D 77 11.79 -1.48 -3.99
N THR D 78 13.11 -1.41 -4.24
CA THR D 78 14.00 -2.49 -3.88
C THR D 78 15.07 -1.94 -2.94
N VAL D 79 15.37 -2.73 -1.89
CA VAL D 79 16.58 -2.51 -1.10
C VAL D 79 17.52 -3.68 -1.39
N TYR D 80 18.81 -3.35 -1.43
CA TYR D 80 19.89 -4.28 -1.76
C TYR D 80 20.81 -4.39 -0.55
N MET D 81 21.26 -5.64 -0.29
CA MET D 81 22.26 -5.99 0.70
C MET D 81 23.45 -6.56 -0.09
N GLU D 82 24.55 -5.77 -0.15
CA GLU D 82 25.81 -6.18 -0.79
C GLU D 82 26.82 -6.56 0.30
N LEU D 83 27.32 -7.81 0.23
CA LEU D 83 28.34 -8.31 1.14
C LEU D 83 29.63 -8.60 0.37
N SER D 84 30.73 -7.91 0.75
CA SER D 84 32.05 -8.02 0.10
C SER D 84 32.92 -9.05 0.83
N SER D 85 33.99 -9.47 0.16
CA SER D 85 35.02 -10.31 0.79
C SER D 85 34.43 -11.50 1.55
N LEU D 86 33.66 -12.32 0.84
CA LEU D 86 32.86 -13.37 1.47
C LEU D 86 33.76 -14.42 2.11
N ARG D 87 33.37 -14.82 3.33
CA ARG D 87 33.96 -15.91 4.06
C ARG D 87 33.03 -17.11 4.08
N SER D 88 33.63 -18.28 4.38
CA SER D 88 32.92 -19.54 4.61
C SER D 88 31.84 -19.32 5.68
N GLU D 89 32.19 -18.53 6.70
CA GLU D 89 31.33 -18.15 7.80
C GLU D 89 30.09 -17.39 7.35
N ASP D 90 30.07 -16.78 6.16
CA ASP D 90 28.92 -15.98 5.78
C ASP D 90 27.85 -16.85 5.14
N THR D 91 28.03 -18.18 5.25
CA THR D 91 27.09 -19.13 4.71
C THR D 91 25.82 -19.05 5.54
N ALA D 92 24.73 -18.65 4.88
CA ALA D 92 23.53 -18.34 5.63
C ALA D 92 22.38 -18.05 4.67
N VAL D 93 21.19 -18.25 5.22
CA VAL D 93 19.99 -17.61 4.71
C VAL D 93 19.86 -16.17 5.18
N TYR D 94 19.84 -15.25 4.22
CA TYR D 94 19.71 -13.83 4.45
C TYR D 94 18.25 -13.43 4.27
N TYR D 95 17.69 -12.77 5.28
CA TYR D 95 16.29 -12.34 5.29
C TYR D 95 16.22 -10.82 5.23
N CYS D 96 15.23 -10.29 4.52
CA CYS D 96 14.77 -8.93 4.75
C CYS D 96 13.44 -8.97 5.51
N ALA D 97 13.11 -7.91 6.26
CA ALA D 97 11.86 -7.86 7.00
C ALA D 97 11.52 -6.44 7.37
N ARG D 98 10.25 -6.20 7.74
CA ARG D 98 9.79 -4.88 8.17
C ARG D 98 8.75 -5.02 9.28
N GLU D 99 8.53 -3.91 9.95
CA GLU D 99 7.56 -3.81 11.01
C GLU D 99 6.23 -3.42 10.38
N ASN D 100 5.20 -3.35 11.23
CA ASN D 100 3.91 -2.78 10.90
C ASN D 100 3.44 -1.95 12.10
N TYR D 101 2.33 -1.22 11.93
CA TYR D 101 1.83 -0.30 12.93
C TYR D 101 1.69 -0.97 14.29
N GLY D 102 2.48 -0.51 15.28
CA GLY D 102 2.33 -0.92 16.66
C GLY D 102 3.02 -2.23 17.04
N SER D 103 3.86 -2.81 16.17
CA SER D 103 4.65 -4.01 16.45
C SER D 103 5.89 -3.67 17.28
N HIS D 104 6.12 -2.39 17.53
CA HIS D 104 7.17 -1.95 18.43
C HIS D 104 8.51 -2.65 18.20
N GLY D 105 8.85 -2.94 16.94
CA GLY D 105 10.11 -3.59 16.69
C GLY D 105 9.95 -5.07 16.34
N GLY D 106 8.72 -5.58 16.39
CA GLY D 106 8.48 -6.92 15.88
C GLY D 106 8.37 -6.86 14.36
N PHE D 107 8.93 -7.88 13.70
CA PHE D 107 8.95 -7.89 12.26
C PHE D 107 7.75 -8.70 11.80
N VAL D 108 6.78 -8.02 11.18
CA VAL D 108 5.53 -8.62 10.72
C VAL D 108 5.69 -9.31 9.37
N TYR D 109 6.41 -8.68 8.44
CA TYR D 109 6.57 -9.26 7.12
C TYR D 109 8.05 -9.48 6.84
N TRP D 110 8.31 -10.68 6.29
CA TRP D 110 9.63 -11.20 6.01
C TRP D 110 9.69 -11.62 4.55
N GLY D 111 10.81 -11.35 3.89
CA GLY D 111 11.19 -12.03 2.65
C GLY D 111 11.25 -13.55 2.82
N GLN D 112 11.38 -14.27 1.68
CA GLN D 112 11.39 -15.73 1.70
C GLN D 112 12.77 -16.26 2.07
N GLY D 113 13.72 -15.35 2.25
CA GLY D 113 15.10 -15.71 2.51
C GLY D 113 15.84 -16.01 1.22
N THR D 114 17.15 -15.73 1.21
CA THR D 114 18.08 -16.02 0.13
C THR D 114 19.23 -16.82 0.74
N LEU D 115 19.38 -18.10 0.37
CA LEU D 115 20.50 -18.89 0.82
C LEU D 115 21.76 -18.42 0.10
N VAL D 116 22.77 -17.97 0.84
CA VAL D 116 24.07 -17.67 0.27
C VAL D 116 25.11 -18.61 0.85
N THR D 117 25.61 -19.54 0.01
CA THR D 117 26.63 -20.51 0.40
C THR D 117 27.99 -20.02 -0.08
N VAL D 118 28.90 -19.77 0.85
CA VAL D 118 30.28 -19.47 0.48
C VAL D 118 31.18 -20.69 0.76
N SER D 119 31.84 -21.23 -0.28
CA SER D 119 32.77 -22.34 -0.13
C SER D 119 33.89 -22.28 -1.17
N SER D 120 35.11 -22.63 -0.75
CA SER D 120 36.20 -23.02 -1.66
C SER D 120 35.81 -24.18 -2.57
N ALA D 121 34.87 -25.03 -2.13
CA ALA D 121 34.47 -26.16 -2.95
C ALA D 121 33.86 -25.66 -4.26
N SER D 122 33.83 -26.51 -5.30
CA SER D 122 33.17 -26.28 -6.56
C SER D 122 32.07 -27.32 -6.77
N THR D 123 31.12 -27.04 -7.68
CA THR D 123 29.95 -27.89 -7.88
C THR D 123 30.37 -29.27 -8.38
N LYS D 124 29.93 -30.36 -7.71
CA LYS D 124 30.13 -31.69 -8.27
C LYS D 124 29.17 -32.72 -7.68
N GLY D 125 28.95 -33.79 -8.44
CA GLY D 125 27.97 -34.79 -8.06
C GLY D 125 28.56 -35.76 -7.03
N PRO D 126 27.69 -36.45 -6.25
CA PRO D 126 28.14 -37.46 -5.31
C PRO D 126 28.62 -38.73 -6.00
N SER D 127 29.49 -39.46 -5.33
CA SER D 127 29.68 -40.87 -5.62
C SER D 127 28.72 -41.61 -4.69
N VAL D 128 28.16 -42.72 -5.19
CA VAL D 128 27.09 -43.44 -4.54
C VAL D 128 27.59 -44.87 -4.36
N PHE D 129 27.62 -45.33 -3.10
CA PHE D 129 28.23 -46.61 -2.79
C PHE D 129 27.16 -47.42 -2.06
N PRO D 130 27.08 -48.74 -2.27
CA PRO D 130 26.16 -49.58 -1.49
C PRO D 130 26.55 -49.67 -0.02
N LEU D 131 25.54 -49.68 0.84
CA LEU D 131 25.69 -50.12 2.21
C LEU D 131 24.96 -51.46 2.24
N ALA D 132 25.73 -52.52 1.99
CA ALA D 132 25.23 -53.85 1.75
C ALA D 132 24.64 -54.44 3.04
N PRO D 133 23.48 -55.11 2.98
CA PRO D 133 22.97 -55.83 4.14
C PRO D 133 23.77 -57.09 4.46
N SER D 134 23.49 -57.68 5.63
CA SER D 134 23.87 -59.04 5.97
C SER D 134 23.16 -59.46 7.28
N GLY D 141 13.85 -61.94 10.94
CA GLY D 141 14.45 -60.72 11.53
C GLY D 141 14.50 -59.58 10.51
N THR D 142 15.08 -58.45 10.92
CA THR D 142 15.05 -57.25 10.11
C THR D 142 16.47 -56.89 9.64
N ALA D 143 16.63 -56.65 8.33
CA ALA D 143 17.91 -56.27 7.76
C ALA D 143 17.92 -54.78 7.44
N ALA D 144 19.11 -54.15 7.54
CA ALA D 144 19.28 -52.76 7.13
C ALA D 144 20.15 -52.72 5.90
N LEU D 145 19.81 -51.81 4.99
CA LEU D 145 20.68 -51.53 3.88
C LEU D 145 20.53 -50.05 3.55
N GLY D 146 21.26 -49.59 2.54
CA GLY D 146 21.38 -48.16 2.33
C GLY D 146 22.37 -47.82 1.22
N CYS D 147 22.54 -46.52 1.02
CA CYS D 147 23.46 -45.96 0.03
C CYS D 147 24.22 -44.82 0.70
N LEU D 148 25.54 -44.81 0.51
CA LEU D 148 26.36 -43.71 0.95
C LEU D 148 26.50 -42.74 -0.20
N VAL D 149 26.22 -41.46 0.06
CA VAL D 149 26.14 -40.42 -0.96
C VAL D 149 27.13 -39.34 -0.59
N LYS D 150 28.32 -39.39 -1.21
CA LYS D 150 29.52 -38.78 -0.66
C LYS D 150 30.16 -37.83 -1.67
N ASP D 151 30.63 -36.68 -1.16
CA ASP D 151 31.50 -35.71 -1.81
C ASP D 151 30.77 -34.96 -2.91
N TYR D 152 29.68 -34.28 -2.55
CA TYR D 152 28.96 -33.46 -3.49
C TYR D 152 28.97 -32.04 -2.95
N PHE D 153 28.55 -31.13 -3.81
CA PHE D 153 28.46 -29.72 -3.48
C PHE D 153 27.70 -29.00 -4.59
N PRO D 154 26.87 -27.98 -4.31
CA PRO D 154 26.44 -27.66 -2.95
C PRO D 154 25.26 -28.53 -2.60
N GLU D 155 24.59 -28.21 -1.48
CA GLU D 155 23.31 -28.84 -1.17
C GLU D 155 22.21 -28.43 -2.14
N PRO D 156 21.09 -29.17 -2.33
CA PRO D 156 20.86 -30.48 -1.76
C PRO D 156 20.98 -31.63 -2.75
N VAL D 157 20.75 -32.83 -2.19
CA VAL D 157 20.46 -34.02 -2.97
C VAL D 157 19.10 -34.53 -2.55
N THR D 158 18.56 -35.41 -3.38
CA THR D 158 17.37 -36.15 -3.01
C THR D 158 17.63 -37.63 -3.27
N VAL D 159 16.99 -38.42 -2.39
CA VAL D 159 17.16 -39.86 -2.38
C VAL D 159 15.77 -40.47 -2.27
N SER D 160 15.43 -41.35 -3.21
CA SER D 160 14.28 -42.20 -2.99
C SER D 160 14.69 -43.67 -3.03
N TRP D 161 13.74 -44.55 -2.69
CA TRP D 161 13.98 -45.96 -2.79
C TRP D 161 12.88 -46.60 -3.63
N ASN D 162 13.33 -47.36 -4.64
CA ASN D 162 12.49 -48.10 -5.57
C ASN D 162 11.49 -47.12 -6.18
N SER D 163 12.03 -45.96 -6.58
CA SER D 163 11.32 -44.92 -7.29
C SER D 163 10.03 -44.54 -6.56
N GLY D 164 10.14 -44.31 -5.25
CA GLY D 164 9.03 -43.88 -4.43
C GLY D 164 8.22 -45.04 -3.84
N ALA D 165 8.37 -46.27 -4.36
CA ALA D 165 7.55 -47.38 -3.91
C ALA D 165 7.89 -47.76 -2.47
N LEU D 166 9.13 -47.49 -2.04
CA LEU D 166 9.61 -47.87 -0.73
C LEU D 166 9.95 -46.60 0.07
N THR D 167 9.15 -46.37 1.13
CA THR D 167 9.21 -45.13 1.91
C THR D 167 9.19 -45.47 3.39
N SER D 168 8.56 -46.60 3.71
CA SER D 168 8.62 -47.21 5.01
C SER D 168 10.07 -47.54 5.38
N GLY D 169 10.51 -47.01 6.52
CA GLY D 169 11.79 -47.36 7.12
C GLY D 169 12.95 -46.55 6.55
N VAL D 170 12.69 -45.70 5.56
CA VAL D 170 13.72 -44.93 4.90
C VAL D 170 14.14 -43.79 5.83
N HIS D 171 15.44 -43.65 6.02
CA HIS D 171 15.98 -42.50 6.70
C HIS D 171 17.13 -41.98 5.86
N THR D 172 17.03 -40.71 5.46
CA THR D 172 18.09 -40.05 4.72
C THR D 172 18.61 -38.94 5.61
N PHE D 173 19.86 -39.07 6.07
CA PHE D 173 20.36 -38.27 7.18
C PHE D 173 20.72 -36.88 6.67
N PRO D 174 20.56 -35.82 7.46
CA PRO D 174 21.09 -34.53 7.04
C PRO D 174 22.51 -34.73 6.58
N ALA D 175 22.88 -34.03 5.50
CA ALA D 175 24.25 -34.02 5.04
C ALA D 175 25.13 -33.42 6.14
N VAL D 176 26.34 -33.94 6.34
CA VAL D 176 27.31 -33.22 7.13
C VAL D 176 28.40 -32.71 6.20
N LEU D 177 28.88 -31.49 6.47
CA LEU D 177 30.03 -30.92 5.78
C LEU D 177 31.31 -31.56 6.29
N GLN D 178 32.04 -32.25 5.41
CA GLN D 178 33.36 -32.79 5.71
C GLN D 178 34.33 -31.62 5.70
N SER D 179 35.60 -31.85 6.03
CA SER D 179 36.57 -30.76 6.05
C SER D 179 37.07 -30.43 4.63
N SER D 180 36.95 -31.40 3.73
CA SER D 180 37.18 -31.16 2.31
C SER D 180 36.27 -30.05 1.77
N GLY D 181 35.25 -29.65 2.55
CA GLY D 181 34.27 -28.67 2.09
C GLY D 181 33.18 -29.31 1.22
N LEU D 182 33.18 -30.64 1.08
CA LEU D 182 32.12 -31.32 0.34
C LEU D 182 31.20 -32.01 1.35
N TYR D 183 29.96 -32.21 0.94
CA TYR D 183 28.94 -32.83 1.78
C TYR D 183 28.94 -34.36 1.62
N SER D 184 28.35 -35.06 2.59
CA SER D 184 28.19 -36.50 2.55
C SER D 184 26.98 -36.87 3.42
N LEU D 185 26.27 -37.93 3.03
CA LEU D 185 25.18 -38.45 3.84
C LEU D 185 25.02 -39.90 3.43
N SER D 186 24.35 -40.71 4.27
CA SER D 186 23.84 -42.00 3.87
C SER D 186 22.31 -41.94 3.86
N SER D 187 21.68 -42.77 3.04
CA SER D 187 20.27 -43.06 3.14
C SER D 187 20.08 -44.54 3.43
N VAL D 188 19.23 -44.88 4.41
CA VAL D 188 19.06 -46.26 4.82
C VAL D 188 17.58 -46.63 4.86
N VAL D 189 17.34 -47.94 4.75
CA VAL D 189 16.02 -48.52 4.98
C VAL D 189 16.18 -49.88 5.63
N THR D 190 15.22 -50.23 6.50
CA THR D 190 15.10 -51.59 7.04
C THR D 190 14.01 -52.34 6.28
N VAL D 191 14.22 -53.66 6.16
CA VAL D 191 13.39 -54.54 5.34
C VAL D 191 13.48 -55.93 5.93
N PRO D 192 12.54 -56.87 5.62
CA PRO D 192 12.65 -58.23 6.14
C PRO D 192 13.89 -58.92 5.60
N SER D 193 14.69 -59.54 6.48
CA SER D 193 15.89 -60.22 6.03
C SER D 193 15.53 -61.35 5.06
N SER D 194 14.30 -61.91 5.14
CA SER D 194 13.90 -63.00 4.27
C SER D 194 13.69 -62.51 2.82
N SER D 195 13.48 -61.22 2.64
CA SER D 195 13.35 -60.61 1.33
C SER D 195 14.71 -60.44 0.62
N LEU D 196 15.82 -60.56 1.35
CA LEU D 196 17.14 -60.25 0.79
C LEU D 196 17.53 -61.25 -0.30
N GLY D 197 17.88 -60.72 -1.49
CA GLY D 197 18.20 -61.55 -2.65
C GLY D 197 17.00 -61.84 -3.55
N THR D 198 15.84 -62.07 -2.91
CA THR D 198 14.58 -62.26 -3.61
C THR D 198 14.11 -60.92 -4.22
N GLN D 199 13.84 -59.94 -3.36
CA GLN D 199 13.45 -58.60 -3.78
C GLN D 199 14.66 -57.77 -4.25
N THR D 200 14.35 -56.71 -5.00
CA THR D 200 15.32 -55.75 -5.51
C THR D 200 15.17 -54.41 -4.79
N TYR D 201 16.33 -53.81 -4.49
CA TYR D 201 16.42 -52.57 -3.73
C TYR D 201 17.44 -51.66 -4.43
N ILE D 202 16.92 -50.51 -4.90
CA ILE D 202 17.65 -49.54 -5.69
C ILE D 202 17.41 -48.16 -5.08
N CYS D 203 18.52 -47.42 -4.91
CA CYS D 203 18.43 -46.08 -4.36
C CYS D 203 18.56 -45.12 -5.52
N ASN D 204 17.70 -44.09 -5.55
CA ASN D 204 17.70 -43.09 -6.59
C ASN D 204 18.27 -41.79 -6.02
N VAL D 205 19.41 -41.35 -6.54
CA VAL D 205 20.08 -40.17 -6.03
C VAL D 205 20.12 -39.13 -7.13
N ASN D 206 19.55 -37.96 -6.82
CA ASN D 206 19.53 -36.81 -7.72
C ASN D 206 20.24 -35.64 -7.05
N HIS D 207 21.22 -35.10 -7.76
CA HIS D 207 21.83 -33.81 -7.43
C HIS D 207 21.72 -32.93 -8.66
N LYS D 208 20.71 -32.05 -8.65
CA LYS D 208 20.40 -31.22 -9.81
C LYS D 208 21.56 -30.28 -10.16
N PRO D 209 22.27 -29.67 -9.19
CA PRO D 209 23.35 -28.73 -9.52
C PRO D 209 24.46 -29.28 -10.43
N SER D 210 24.61 -30.61 -10.47
CA SER D 210 25.60 -31.31 -11.27
C SER D 210 24.96 -32.16 -12.35
N ASN D 211 23.61 -32.11 -12.44
CA ASN D 211 22.82 -33.01 -13.26
C ASN D 211 23.16 -34.47 -12.96
N THR D 212 23.25 -34.85 -11.68
CA THR D 212 23.58 -36.23 -11.37
C THR D 212 22.29 -37.01 -11.07
N LYS D 213 22.06 -38.06 -11.87
CA LYS D 213 20.94 -38.97 -11.71
C LYS D 213 21.51 -40.39 -11.67
N VAL D 214 21.70 -40.94 -10.48
CA VAL D 214 22.29 -42.27 -10.34
C VAL D 214 21.33 -43.16 -9.57
N ASP D 215 21.12 -44.35 -10.13
CA ASP D 215 20.56 -45.44 -9.38
C ASP D 215 21.71 -46.31 -8.92
N LYS D 216 21.56 -46.95 -7.76
CA LYS D 216 22.45 -48.04 -7.42
C LYS D 216 21.62 -49.16 -6.83
N LYS D 217 21.83 -50.35 -7.41
CA LYS D 217 21.39 -51.62 -6.84
C LYS D 217 22.25 -51.93 -5.61
N VAL D 218 21.60 -52.13 -4.47
CA VAL D 218 22.30 -52.59 -3.31
C VAL D 218 21.99 -54.09 -3.18
N GLU D 219 23.05 -54.90 -3.23
CA GLU D 219 22.90 -56.35 -3.26
C GLU D 219 23.63 -56.94 -2.07
N PRO D 220 23.24 -58.14 -1.59
CA PRO D 220 24.04 -58.85 -0.60
C PRO D 220 25.37 -59.31 -1.21
N GLU E 1 -15.80 10.82 -30.04
CA GLU E 1 -15.94 10.36 -28.64
C GLU E 1 -17.36 9.85 -28.42
N ASN E 2 -17.53 9.03 -27.41
CA ASN E 2 -18.86 8.59 -27.06
C ASN E 2 -19.42 9.60 -26.07
N GLN E 3 -20.06 10.66 -26.54
CA GLN E 3 -20.55 11.71 -25.66
C GLN E 3 -21.74 11.21 -24.84
N LEU E 4 -21.80 11.67 -23.60
CA LEU E 4 -22.86 11.31 -22.68
C LEU E 4 -23.69 12.54 -22.38
N THR E 5 -25.04 12.41 -22.46
CA THR E 5 -25.87 13.57 -22.15
C THR E 5 -26.92 13.19 -21.10
N GLN E 6 -27.02 14.04 -20.06
CA GLN E 6 -27.79 13.77 -18.86
C GLN E 6 -29.05 14.63 -18.87
N SER E 7 -30.17 14.10 -18.37
CA SER E 7 -31.38 14.91 -18.23
C SER E 7 -32.09 14.65 -16.92
N PRO E 8 -32.67 15.69 -16.27
CA PRO E 8 -32.44 17.06 -16.69
C PRO E 8 -31.11 17.58 -16.16
N SER E 9 -30.83 18.85 -16.45
CA SER E 9 -29.64 19.53 -15.96
C SER E 9 -29.84 19.91 -14.50
N SER E 10 -31.11 20.02 -14.13
CA SER E 10 -31.49 20.52 -12.83
C SER E 10 -32.84 19.91 -12.49
N LEU E 11 -32.96 19.24 -11.34
CA LEU E 11 -34.21 18.58 -10.94
C LEU E 11 -34.59 19.09 -9.56
N SER E 12 -35.87 19.36 -9.34
CA SER E 12 -36.34 19.78 -8.03
C SER E 12 -37.15 18.63 -7.46
N ALA E 13 -36.97 18.36 -6.15
CA ALA E 13 -37.67 17.26 -5.48
C ALA E 13 -37.62 17.43 -3.96
N SER E 14 -38.58 16.79 -3.29
CA SER E 14 -38.73 16.84 -1.84
C SER E 14 -38.12 15.63 -1.16
N VAL E 15 -37.87 15.77 0.13
CA VAL E 15 -37.48 14.64 0.97
C VAL E 15 -38.60 13.60 0.88
N GLY E 16 -38.25 12.33 0.63
CA GLY E 16 -39.24 11.26 0.56
C GLY E 16 -39.65 10.90 -0.87
N ASP E 17 -39.31 11.76 -1.86
CA ASP E 17 -39.60 11.51 -3.26
C ASP E 17 -38.57 10.56 -3.90
N ARG E 18 -39.02 9.91 -4.95
CA ARG E 18 -38.19 9.17 -5.87
C ARG E 18 -37.57 10.12 -6.90
N VAL E 19 -36.26 10.02 -7.17
CA VAL E 19 -35.70 10.78 -8.29
C VAL E 19 -35.15 9.85 -9.36
N THR E 20 -35.30 10.25 -10.62
CA THR E 20 -34.79 9.56 -11.79
C THR E 20 -33.93 10.55 -12.59
N ILE E 21 -32.62 10.33 -12.62
CA ILE E 21 -31.67 10.98 -13.53
C ILE E 21 -31.40 10.00 -14.67
N THR E 22 -31.33 10.51 -15.89
CA THR E 22 -31.00 9.69 -17.06
C THR E 22 -29.67 10.13 -17.65
N CYS E 23 -28.94 9.17 -18.22
CA CYS E 23 -27.67 9.38 -18.90
C CYS E 23 -27.76 8.62 -20.20
N ARG E 24 -27.76 9.35 -21.34
CA ARG E 24 -27.86 8.74 -22.66
C ARG E 24 -26.51 8.87 -23.36
N ALA E 25 -25.95 7.74 -23.83
CA ALA E 25 -24.69 7.75 -24.55
C ALA E 25 -24.94 7.76 -26.05
N SER E 26 -24.05 8.40 -26.78
CA SER E 26 -24.31 8.61 -28.20
C SER E 26 -24.00 7.31 -28.93
N SER E 27 -23.28 6.40 -28.28
CA SER E 27 -22.99 5.08 -28.84
C SER E 27 -23.02 4.02 -27.74
N SER E 28 -23.06 2.74 -28.13
CA SER E 28 -23.34 1.67 -27.19
C SER E 28 -22.16 1.54 -26.22
N VAL E 29 -22.48 1.33 -24.93
CA VAL E 29 -21.51 1.12 -23.87
C VAL E 29 -21.76 -0.24 -23.21
N ILE E 30 -20.75 -1.12 -23.12
CA ILE E 30 -20.88 -2.32 -22.30
C ILE E 30 -21.14 -1.85 -20.86
N SER E 31 -22.12 -2.46 -20.18
CA SER E 31 -22.70 -1.90 -18.96
C SER E 31 -21.74 -1.97 -17.76
N SER E 32 -20.79 -2.90 -17.83
CA SER E 32 -19.63 -2.91 -16.94
C SER E 32 -18.93 -1.56 -16.79
N TYR E 33 -19.01 -0.71 -17.83
CA TYR E 33 -18.08 0.41 -17.90
C TYR E 33 -18.82 1.73 -17.80
N LEU E 34 -20.01 1.73 -17.17
CA LEU E 34 -20.77 2.94 -16.92
C LEU E 34 -20.99 3.18 -15.42
N HIS E 35 -20.64 4.39 -14.98
CA HIS E 35 -20.47 4.66 -13.56
C HIS E 35 -21.12 6.01 -13.23
N TRP E 36 -21.46 6.19 -11.96
CA TRP E 36 -22.07 7.41 -11.48
C TRP E 36 -21.30 7.91 -10.27
N TYR E 37 -21.30 9.24 -10.12
CA TYR E 37 -20.63 9.96 -9.07
C TYR E 37 -21.59 10.96 -8.46
N GLN E 38 -21.35 11.28 -7.18
CA GLN E 38 -22.02 12.37 -6.47
C GLN E 38 -20.97 13.39 -6.06
N GLN E 39 -21.33 14.67 -6.11
CA GLN E 39 -20.39 15.73 -5.80
C GLN E 39 -21.15 16.79 -5.02
N LYS E 40 -20.65 17.09 -3.82
CA LYS E 40 -21.08 18.25 -3.08
C LYS E 40 -20.08 19.36 -3.36
N PRO E 41 -20.51 20.64 -3.27
CA PRO E 41 -19.68 21.71 -3.78
C PRO E 41 -18.40 21.86 -2.97
N GLY E 42 -17.28 22.12 -3.65
CA GLY E 42 -15.98 22.28 -3.01
C GLY E 42 -15.21 20.96 -2.88
N LYS E 43 -15.93 19.83 -3.06
CA LYS E 43 -15.40 18.50 -2.86
C LYS E 43 -15.16 17.87 -4.22
N ALA E 44 -14.36 16.80 -4.24
CA ALA E 44 -14.19 16.04 -5.47
C ALA E 44 -15.38 15.12 -5.63
N PRO E 45 -15.71 14.71 -6.88
CA PRO E 45 -16.74 13.68 -7.06
C PRO E 45 -16.44 12.47 -6.18
N LYS E 46 -17.49 11.75 -5.83
CA LYS E 46 -17.37 10.50 -5.09
C LYS E 46 -18.08 9.40 -5.87
N LEU E 47 -17.40 8.27 -6.06
CA LEU E 47 -18.02 7.15 -6.74
C LEU E 47 -19.27 6.72 -5.99
N LEU E 48 -20.32 6.45 -6.77
CA LEU E 48 -21.66 6.30 -6.25
C LEU E 48 -22.18 4.95 -6.67
N ILE E 49 -22.22 4.72 -7.99
CA ILE E 49 -22.55 3.42 -8.57
C ILE E 49 -21.45 3.09 -9.57
N TYR E 50 -21.08 1.82 -9.69
CA TYR E 50 -20.16 1.42 -10.72
C TYR E 50 -20.74 0.21 -11.42
N SER E 51 -20.22 -0.07 -12.63
CA SER E 51 -20.79 -1.05 -13.55
C SER E 51 -22.32 -1.04 -13.53
N THR E 52 -22.90 0.14 -13.82
CA THR E 52 -24.33 0.32 -14.08
C THR E 52 -25.14 0.29 -12.79
N SER E 53 -24.96 -0.78 -12.01
CA SER E 53 -25.91 -1.08 -10.94
C SER E 53 -25.27 -1.45 -9.59
N ASN E 54 -23.94 -1.38 -9.46
CA ASN E 54 -23.30 -1.80 -8.22
C ASN E 54 -23.02 -0.58 -7.34
N LEU E 55 -23.48 -0.66 -6.08
CA LEU E 55 -23.27 0.38 -5.09
C LEU E 55 -21.78 0.43 -4.72
N ALA E 56 -21.24 1.65 -4.66
CA ALA E 56 -19.91 1.84 -4.11
C ALA E 56 -19.98 1.71 -2.60
N SER E 57 -18.78 1.60 -2.02
CA SER E 57 -18.58 1.50 -0.58
C SER E 57 -19.25 2.68 0.12
N GLY E 58 -19.95 2.40 1.21
CA GLY E 58 -20.51 3.45 2.05
C GLY E 58 -21.86 4.02 1.56
N VAL E 59 -22.28 3.65 0.35
CA VAL E 59 -23.41 4.26 -0.36
C VAL E 59 -24.68 3.50 0.04
N PRO E 60 -25.72 4.17 0.59
CA PRO E 60 -26.90 3.49 1.11
C PRO E 60 -27.81 2.94 0.04
N SER E 61 -28.67 1.98 0.43
CA SER E 61 -29.39 1.17 -0.53
C SER E 61 -30.52 1.95 -1.23
N ARG E 62 -30.85 3.17 -0.79
CA ARG E 62 -31.88 3.93 -1.48
C ARG E 62 -31.45 4.26 -2.91
N PHE E 63 -30.12 4.22 -3.18
CA PHE E 63 -29.58 4.47 -4.51
C PHE E 63 -29.54 3.17 -5.29
N SER E 64 -29.93 3.25 -6.56
CA SER E 64 -29.79 2.13 -7.48
C SER E 64 -29.46 2.71 -8.83
N GLY E 65 -29.12 1.85 -9.80
CA GLY E 65 -28.72 2.27 -11.13
C GLY E 65 -29.05 1.17 -12.12
N SER E 66 -29.45 1.54 -13.33
CA SER E 66 -29.92 0.55 -14.29
C SER E 66 -29.67 1.03 -15.70
N GLY E 67 -29.85 0.11 -16.66
CA GLY E 67 -29.78 0.43 -18.07
C GLY E 67 -28.83 -0.51 -18.81
N SER E 68 -28.82 -0.34 -20.14
CA SER E 68 -27.91 -1.06 -21.02
C SER E 68 -27.84 -0.33 -22.36
N GLY E 69 -26.89 -0.73 -23.21
CA GLY E 69 -26.79 -0.11 -24.52
C GLY E 69 -26.45 1.36 -24.36
N THR E 70 -27.37 2.25 -24.75
CA THR E 70 -27.15 3.70 -24.73
C THR E 70 -27.91 4.38 -23.60
N ASP E 71 -28.77 3.65 -22.86
CA ASP E 71 -29.71 4.30 -21.96
C ASP E 71 -29.50 3.82 -20.53
N TYR E 72 -29.08 4.72 -19.62
CA TYR E 72 -28.84 4.39 -18.23
C TYR E 72 -29.63 5.34 -17.33
N THR E 73 -29.95 4.89 -16.09
CA THR E 73 -30.66 5.75 -15.17
C THR E 73 -30.09 5.56 -13.76
N LEU E 74 -30.23 6.61 -12.95
CA LEU E 74 -29.79 6.62 -11.58
C LEU E 74 -31.02 6.97 -10.78
N THR E 75 -31.31 6.18 -9.74
CA THR E 75 -32.54 6.34 -8.99
C THR E 75 -32.23 6.54 -7.51
N ILE E 76 -32.99 7.42 -6.87
CA ILE E 76 -33.06 7.46 -5.43
C ILE E 76 -34.52 7.15 -5.06
N SER E 77 -34.74 6.04 -4.35
CA SER E 77 -36.09 5.53 -4.12
C SER E 77 -36.84 6.50 -3.22
N SER E 78 -36.14 7.02 -2.22
CA SER E 78 -36.70 7.91 -1.23
C SER E 78 -35.64 8.91 -0.78
N LEU E 79 -35.66 10.08 -1.42
CA LEU E 79 -34.62 11.08 -1.29
C LEU E 79 -34.42 11.49 0.18
N GLN E 80 -33.17 11.54 0.64
CA GLN E 80 -32.87 12.05 1.98
C GLN E 80 -32.17 13.41 1.86
N PRO E 81 -32.13 14.24 2.95
CA PRO E 81 -31.47 15.55 2.94
C PRO E 81 -30.02 15.60 2.46
N GLU E 82 -29.22 14.57 2.72
CA GLU E 82 -27.82 14.66 2.33
C GLU E 82 -27.65 14.35 0.83
N ASP E 83 -28.75 14.10 0.10
CA ASP E 83 -28.67 13.61 -1.26
C ASP E 83 -28.72 14.73 -2.29
N PHE E 84 -28.99 15.94 -1.83
CA PHE E 84 -29.00 17.10 -2.69
C PHE E 84 -27.56 17.45 -3.02
N ALA E 85 -27.23 17.41 -4.32
CA ALA E 85 -25.87 17.37 -4.80
C ALA E 85 -25.92 17.28 -6.32
N THR E 86 -24.74 17.25 -6.95
CA THR E 86 -24.67 17.03 -8.38
C THR E 86 -24.29 15.58 -8.67
N TYR E 87 -24.86 15.03 -9.74
CA TYR E 87 -24.64 13.67 -10.16
C TYR E 87 -24.12 13.64 -11.59
N TYR E 88 -23.16 12.74 -11.84
CA TYR E 88 -22.45 12.62 -13.09
C TYR E 88 -22.40 11.14 -13.45
N CYS E 89 -22.62 10.84 -14.73
CA CYS E 89 -22.36 9.55 -15.30
C CYS E 89 -21.03 9.60 -16.06
N GLN E 90 -20.51 8.43 -16.41
CA GLN E 90 -19.13 8.35 -16.88
C GLN E 90 -18.97 7.02 -17.56
N GLN E 91 -18.20 7.01 -18.62
CA GLN E 91 -18.00 5.81 -19.42
C GLN E 91 -16.50 5.57 -19.48
N TYR E 92 -16.15 4.27 -19.35
CA TYR E 92 -14.79 3.82 -19.59
C TYR E 92 -14.81 2.72 -20.64
N ASN E 93 -15.75 2.83 -21.59
CA ASN E 93 -15.94 1.88 -22.68
C ASN E 93 -14.89 2.11 -23.77
N SER E 94 -14.50 3.36 -23.97
CA SER E 94 -13.56 3.73 -25.02
C SER E 94 -12.87 5.02 -24.61
N TYR E 95 -11.65 5.23 -25.13
CA TYR E 95 -11.00 6.52 -25.09
C TYR E 95 -11.45 7.46 -26.22
N PRO E 96 -11.60 8.79 -26.00
CA PRO E 96 -11.48 9.38 -24.68
C PRO E 96 -12.64 9.09 -23.73
N LEU E 97 -12.29 9.11 -22.44
CA LEU E 97 -13.24 9.07 -21.34
C LEU E 97 -14.16 10.28 -21.43
N THR E 98 -15.43 10.02 -21.15
CA THR E 98 -16.42 11.09 -21.10
C THR E 98 -17.24 10.94 -19.83
N PHE E 99 -17.69 12.11 -19.36
CA PHE E 99 -18.68 12.25 -18.29
C PHE E 99 -19.88 12.97 -18.88
N GLY E 100 -21.06 12.75 -18.29
CA GLY E 100 -22.21 13.60 -18.57
C GLY E 100 -22.01 15.00 -18.03
N GLY E 101 -22.89 15.92 -18.41
CA GLY E 101 -22.77 17.33 -18.06
C GLY E 101 -23.19 17.62 -16.63
N GLY E 102 -23.82 16.67 -15.93
CA GLY E 102 -24.22 16.93 -14.55
C GLY E 102 -25.72 17.18 -14.39
N THR E 103 -26.27 16.65 -13.30
CA THR E 103 -27.61 16.89 -12.82
C THR E 103 -27.55 17.38 -11.37
N LYS E 104 -27.91 18.63 -11.17
CA LYS E 104 -28.01 19.20 -9.85
C LYS E 104 -29.40 18.93 -9.29
N LEU E 105 -29.45 18.29 -8.12
CA LEU E 105 -30.71 17.92 -7.48
C LEU E 105 -31.03 18.96 -6.41
N GLU E 106 -32.18 19.62 -6.52
CA GLU E 106 -32.50 20.73 -5.64
C GLU E 106 -33.79 20.45 -4.89
N ILE E 107 -34.02 21.24 -3.83
CA ILE E 107 -35.11 21.00 -2.88
C ILE E 107 -36.32 21.70 -3.45
N LYS E 108 -37.34 20.92 -3.79
CA LYS E 108 -38.62 21.47 -4.16
C LYS E 108 -39.24 22.13 -2.93
N ARG E 109 -40.15 23.06 -3.20
CA ARG E 109 -40.72 23.93 -2.18
C ARG E 109 -41.97 24.61 -2.74
N THR E 110 -42.71 25.32 -1.90
CA THR E 110 -43.86 26.06 -2.39
C THR E 110 -43.38 27.35 -3.07
N VAL E 111 -44.21 27.86 -3.97
CA VAL E 111 -43.90 29.09 -4.67
C VAL E 111 -43.82 30.22 -3.64
N ALA E 112 -42.82 31.08 -3.81
CA ALA E 112 -42.75 32.28 -3.03
C ALA E 112 -42.40 33.46 -3.93
N ALA E 113 -43.28 34.46 -3.91
CA ALA E 113 -43.06 35.69 -4.62
C ALA E 113 -41.76 36.33 -4.14
N PRO E 114 -40.90 36.84 -5.05
CA PRO E 114 -39.80 37.73 -4.65
C PRO E 114 -40.24 39.11 -4.17
N SER E 115 -39.47 39.68 -3.25
CA SER E 115 -39.50 41.09 -2.95
C SER E 115 -38.38 41.77 -3.76
N VAL E 116 -38.68 42.92 -4.33
CA VAL E 116 -37.81 43.49 -5.33
C VAL E 116 -37.34 44.83 -4.78
N PHE E 117 -36.04 45.13 -4.92
CA PHE E 117 -35.48 46.39 -4.44
C PHE E 117 -34.51 46.90 -5.50
N ILE E 118 -34.48 48.23 -5.71
CA ILE E 118 -33.56 48.81 -6.67
C ILE E 118 -32.60 49.74 -5.93
N PHE E 119 -31.33 49.72 -6.34
CA PHE E 119 -30.31 50.52 -5.67
C PHE E 119 -29.60 51.42 -6.67
N PRO E 120 -29.69 52.75 -6.53
CA PRO E 120 -28.94 53.64 -7.40
C PRO E 120 -27.43 53.46 -7.17
N PRO E 121 -26.54 53.85 -8.09
CA PRO E 121 -25.14 53.93 -7.76
C PRO E 121 -24.86 54.93 -6.64
N SER E 122 -23.91 54.60 -5.78
CA SER E 122 -23.51 55.49 -4.71
C SER E 122 -22.69 56.62 -5.30
N ASP E 123 -22.74 57.76 -4.61
CA ASP E 123 -21.86 58.89 -4.89
C ASP E 123 -20.41 58.43 -4.94
N GLU E 124 -20.06 57.48 -4.07
CA GLU E 124 -18.70 56.98 -3.92
C GLU E 124 -18.25 56.33 -5.23
N GLN E 125 -19.16 55.55 -5.84
CA GLN E 125 -18.83 54.88 -7.09
C GLN E 125 -18.70 55.88 -8.23
N LEU E 126 -19.58 56.87 -8.23
CA LEU E 126 -19.65 57.85 -9.30
C LEU E 126 -18.35 58.68 -9.34
N LYS E 127 -17.77 59.02 -8.19
CA LYS E 127 -16.43 59.60 -8.11
C LYS E 127 -15.42 58.67 -8.77
N SER E 128 -15.59 57.37 -8.54
CA SER E 128 -14.65 56.36 -9.00
C SER E 128 -14.61 56.32 -10.53
N GLY E 129 -15.75 56.48 -11.23
CA GLY E 129 -15.80 56.55 -12.69
C GLY E 129 -16.81 55.61 -13.35
N THR E 130 -17.62 54.90 -12.55
CA THR E 130 -18.58 53.96 -13.11
C THR E 130 -19.87 54.06 -12.33
N ALA E 131 -20.94 53.52 -12.92
CA ALA E 131 -22.23 53.45 -12.26
C ALA E 131 -22.74 52.02 -12.35
N SER E 132 -23.07 51.44 -11.19
CA SER E 132 -23.69 50.12 -11.14
C SER E 132 -25.05 50.32 -10.53
N VAL E 133 -26.07 49.87 -11.25
CA VAL E 133 -27.42 49.91 -10.75
C VAL E 133 -27.82 48.49 -10.37
N VAL E 134 -28.27 48.28 -9.12
CA VAL E 134 -28.51 46.94 -8.65
C VAL E 134 -30.01 46.73 -8.43
N CYS E 135 -30.50 45.66 -9.01
CA CYS E 135 -31.85 45.21 -8.74
C CYS E 135 -31.74 43.88 -8.01
N LEU E 136 -32.36 43.79 -6.82
CA LEU E 136 -32.38 42.61 -6.00
C LEU E 136 -33.76 41.96 -6.01
N LEU E 137 -33.79 40.64 -6.20
CA LEU E 137 -35.01 39.88 -6.01
C LEU E 137 -34.74 38.95 -4.84
N ASN E 138 -35.57 39.02 -3.79
CA ASN E 138 -35.24 38.38 -2.52
C ASN E 138 -36.22 37.27 -2.18
N ASN E 139 -35.66 36.08 -1.87
CA ASN E 139 -36.35 34.96 -1.26
C ASN E 139 -37.56 34.56 -2.11
N PHE E 140 -37.25 34.04 -3.30
CA PHE E 140 -38.31 33.55 -4.17
C PHE E 140 -38.09 32.08 -4.50
N TYR E 141 -39.14 31.49 -5.05
CA TYR E 141 -39.14 30.11 -5.51
C TYR E 141 -40.23 29.95 -6.55
N PRO E 142 -39.97 29.33 -7.73
CA PRO E 142 -38.70 28.71 -8.11
C PRO E 142 -37.66 29.70 -8.67
N ARG E 143 -36.54 29.17 -9.15
CA ARG E 143 -35.36 29.97 -9.53
C ARG E 143 -35.63 30.92 -10.71
N GLU E 144 -36.43 30.46 -11.69
CA GLU E 144 -36.64 31.18 -12.93
C GLU E 144 -37.36 32.51 -12.66
N ALA E 145 -36.80 33.60 -13.19
CA ALA E 145 -37.47 34.89 -13.14
C ALA E 145 -37.12 35.68 -14.40
N LYS E 146 -37.96 36.65 -14.72
CA LYS E 146 -37.62 37.58 -15.78
C LYS E 146 -37.34 38.95 -15.17
N VAL E 147 -36.14 39.45 -15.41
CA VAL E 147 -35.71 40.74 -14.94
C VAL E 147 -35.30 41.57 -16.15
N GLN E 148 -35.94 42.75 -16.34
CA GLN E 148 -35.64 43.59 -17.49
C GLN E 148 -35.26 44.97 -17.01
N TRP E 149 -34.25 45.54 -17.67
CA TRP E 149 -33.84 46.91 -17.41
C TRP E 149 -34.36 47.81 -18.51
N LYS E 150 -34.92 48.94 -18.09
CA LYS E 150 -35.27 50.03 -18.97
C LYS E 150 -34.70 51.33 -18.40
N VAL E 151 -33.98 52.06 -19.27
CA VAL E 151 -33.44 53.38 -18.96
C VAL E 151 -34.14 54.38 -19.87
N ASP E 152 -34.96 55.26 -19.27
CA ASP E 152 -35.79 56.21 -20.01
C ASP E 152 -36.64 55.45 -21.01
N ASN E 153 -37.21 54.33 -20.56
CA ASN E 153 -38.02 53.45 -21.38
C ASN E 153 -37.23 52.61 -22.37
N ALA E 154 -35.91 52.83 -22.56
CA ALA E 154 -35.16 51.98 -23.48
C ALA E 154 -34.78 50.65 -22.83
N LEU E 155 -35.22 49.54 -23.41
CA LEU E 155 -34.78 48.21 -23.01
C LEU E 155 -33.26 48.05 -23.16
N GLN E 156 -32.57 47.66 -22.07
CA GLN E 156 -31.13 47.43 -22.11
C GLN E 156 -30.83 45.96 -22.40
N SER E 157 -29.77 45.72 -23.18
CA SER E 157 -29.28 44.37 -23.37
C SER E 157 -27.77 44.41 -23.58
N GLY E 158 -27.08 43.38 -23.08
CA GLY E 158 -25.64 43.27 -23.23
C GLY E 158 -24.90 43.99 -22.10
N ASN E 159 -25.61 44.67 -21.20
CA ASN E 159 -24.94 45.51 -20.22
C ASN E 159 -25.35 45.18 -18.77
N SER E 160 -25.97 44.02 -18.57
CA SER E 160 -26.42 43.57 -17.26
C SER E 160 -25.95 42.14 -17.02
N GLN E 161 -25.73 41.77 -15.76
CA GLN E 161 -25.46 40.38 -15.44
C GLN E 161 -26.18 39.96 -14.16
N GLU E 162 -26.64 38.69 -14.16
CA GLU E 162 -27.36 38.11 -13.06
C GLU E 162 -26.45 37.20 -12.24
N SER E 163 -26.74 37.12 -10.94
CA SER E 163 -26.08 36.16 -10.06
C SER E 163 -27.13 35.63 -9.11
N VAL E 164 -27.11 34.32 -8.87
CA VAL E 164 -28.16 33.69 -8.09
C VAL E 164 -27.49 32.92 -6.96
N THR E 165 -28.00 33.10 -5.72
CA THR E 165 -27.53 32.32 -4.61
C THR E 165 -27.94 30.86 -4.78
N GLU E 166 -27.19 29.99 -4.13
CA GLU E 166 -27.62 28.62 -3.94
C GLU E 166 -28.86 28.67 -3.05
N GLN E 167 -29.63 27.58 -2.95
CA GLN E 167 -30.80 27.59 -2.11
C GLN E 167 -30.44 27.86 -0.65
N ASP E 168 -31.23 28.73 -0.02
CA ASP E 168 -31.01 29.11 1.38
C ASP E 168 -31.16 27.87 2.25
N SER E 169 -30.26 27.74 3.22
CA SER E 169 -30.23 26.56 4.09
C SER E 169 -31.47 26.50 4.97
N LYS E 170 -32.05 27.64 5.29
CA LYS E 170 -33.15 27.70 6.24
C LYS E 170 -34.52 27.52 5.54
N ASP E 171 -34.73 28.23 4.42
CA ASP E 171 -36.05 28.39 3.84
C ASP E 171 -36.09 27.87 2.42
N SER E 172 -34.94 27.49 1.86
CA SER E 172 -34.86 26.84 0.56
C SER E 172 -35.22 27.79 -0.59
N THR E 173 -35.23 29.12 -0.36
CA THR E 173 -35.54 30.07 -1.41
C THR E 173 -34.23 30.49 -2.11
N TYR E 174 -34.42 31.11 -3.28
CA TYR E 174 -33.36 31.74 -4.03
C TYR E 174 -33.42 33.25 -3.85
N SER E 175 -32.27 33.89 -4.07
CA SER E 175 -32.22 35.33 -4.23
C SER E 175 -31.41 35.60 -5.50
N LEU E 176 -31.57 36.79 -6.11
CA LEU E 176 -30.98 37.09 -7.40
C LEU E 176 -30.60 38.57 -7.47
N SER E 177 -29.39 38.86 -7.95
CA SER E 177 -29.01 40.22 -8.27
C SER E 177 -29.01 40.32 -9.79
N SER E 178 -29.53 41.46 -10.29
CA SER E 178 -29.25 41.92 -11.64
C SER E 178 -28.56 43.25 -11.52
N THR E 179 -27.34 43.33 -12.04
CA THR E 179 -26.55 44.55 -11.97
C THR E 179 -26.40 45.11 -13.38
N LEU E 180 -26.73 46.40 -13.54
CA LEU E 180 -26.62 47.11 -14.80
C LEU E 180 -25.39 48.01 -14.72
N THR E 181 -24.43 47.82 -15.62
CA THR E 181 -23.15 48.52 -15.53
C THR E 181 -23.07 49.52 -16.66
N LEU E 182 -22.80 50.79 -16.30
CA LEU E 182 -22.79 51.91 -17.23
C LEU E 182 -21.59 52.79 -16.92
N SER E 183 -21.12 53.56 -17.90
CA SER E 183 -20.13 54.59 -17.60
C SER E 183 -20.83 55.70 -16.85
N LYS E 184 -20.15 56.38 -15.93
CA LYS E 184 -20.64 57.63 -15.37
C LYS E 184 -21.23 58.48 -16.51
N ALA E 185 -20.48 58.67 -17.59
CA ALA E 185 -20.94 59.52 -18.69
C ALA E 185 -22.37 59.14 -19.11
N ASP E 186 -22.55 57.88 -19.53
CA ASP E 186 -23.85 57.38 -19.97
C ASP E 186 -24.89 57.44 -18.83
N TYR E 187 -24.47 57.10 -17.60
CA TYR E 187 -25.39 57.16 -16.47
C TYR E 187 -25.99 58.57 -16.34
N GLU E 188 -25.14 59.58 -16.50
CA GLU E 188 -25.52 60.96 -16.23
C GLU E 188 -26.44 61.50 -17.34
N LYS E 189 -26.52 60.85 -18.49
CA LYS E 189 -27.35 61.31 -19.60
C LYS E 189 -28.80 60.81 -19.53
N HIS E 190 -29.18 60.06 -18.50
CA HIS E 190 -30.55 59.57 -18.42
C HIS E 190 -31.11 59.78 -17.03
N LYS E 191 -32.44 59.67 -16.92
CA LYS E 191 -33.15 60.10 -15.73
C LYS E 191 -33.69 58.92 -14.94
N VAL E 192 -34.48 58.06 -15.61
CA VAL E 192 -35.32 57.08 -14.93
C VAL E 192 -34.76 55.69 -15.19
N TYR E 193 -34.48 54.99 -14.10
CA TYR E 193 -33.87 53.66 -14.13
C TYR E 193 -34.88 52.72 -13.51
N ALA E 194 -35.20 51.67 -14.25
CA ALA E 194 -36.32 50.82 -13.88
C ALA E 194 -35.97 49.34 -14.07
N CYS E 195 -36.36 48.60 -13.04
CA CYS E 195 -36.18 47.18 -12.97
C CYS E 195 -37.57 46.59 -12.95
N GLU E 196 -37.90 45.78 -13.97
CA GLU E 196 -39.18 45.10 -14.01
C GLU E 196 -38.98 43.59 -13.87
N VAL E 197 -39.75 43.01 -12.94
CA VAL E 197 -39.63 41.63 -12.52
C VAL E 197 -40.93 40.90 -12.82
N THR E 198 -40.82 39.78 -13.55
CA THR E 198 -41.91 38.85 -13.78
C THR E 198 -41.55 37.55 -13.11
N HIS E 199 -42.47 36.97 -12.37
CA HIS E 199 -42.21 35.69 -11.71
C HIS E 199 -43.56 35.05 -11.44
N GLN E 200 -43.63 33.71 -11.50
CA GLN E 200 -44.91 33.02 -11.37
C GLN E 200 -45.56 33.30 -10.01
N GLY E 201 -44.79 33.70 -9.00
CA GLY E 201 -45.35 33.95 -7.70
C GLY E 201 -46.06 35.31 -7.63
N LEU E 202 -45.80 36.18 -8.60
CA LEU E 202 -46.45 37.47 -8.71
C LEU E 202 -47.72 37.37 -9.57
N SER E 203 -48.79 38.08 -9.17
CA SER E 203 -50.01 38.14 -9.96
C SER E 203 -49.85 39.11 -11.14
N SER E 204 -48.87 40.04 -11.10
CA SER E 204 -48.44 40.79 -12.27
CA SER E 204 -48.44 40.78 -12.28
C SER E 204 -47.02 41.29 -12.06
N PRO E 205 -46.29 41.73 -13.13
CA PRO E 205 -44.93 42.23 -12.96
C PRO E 205 -44.84 43.36 -11.94
N VAL E 206 -43.74 43.37 -11.22
CA VAL E 206 -43.47 44.42 -10.28
C VAL E 206 -42.38 45.23 -10.93
N THR E 207 -42.46 46.54 -10.77
CA THR E 207 -41.48 47.45 -11.32
C THR E 207 -40.95 48.28 -10.15
N LYS E 208 -39.62 48.39 -10.00
CA LYS E 208 -39.02 49.35 -9.08
C LYS E 208 -38.13 50.33 -9.85
N SER E 209 -38.17 51.61 -9.48
CA SER E 209 -37.51 52.63 -10.26
C SER E 209 -37.10 53.81 -9.37
N PHE E 210 -36.20 54.63 -9.91
CA PHE E 210 -35.79 55.88 -9.27
C PHE E 210 -35.51 56.84 -10.41
N ASN E 211 -35.52 58.15 -10.09
CA ASN E 211 -35.03 59.20 -10.97
C ASN E 211 -33.64 59.60 -10.49
N ARG E 212 -32.66 59.64 -11.40
CA ARG E 212 -31.32 60.05 -11.02
C ARG E 212 -31.32 61.50 -10.50
N GLN F 1 -6.66 4.54 3.92
CA GLN F 1 -5.21 4.85 3.85
C GLN F 1 -4.75 5.18 2.43
N VAL F 2 -5.53 4.96 1.36
CA VAL F 2 -5.21 5.55 0.05
C VAL F 2 -5.60 7.04 0.04
N GLN F 3 -4.67 7.92 -0.35
CA GLN F 3 -5.00 9.33 -0.54
C GLN F 3 -4.13 9.87 -1.65
N LEU F 4 -4.74 10.71 -2.52
CA LEU F 4 -3.97 11.45 -3.50
C LEU F 4 -3.91 12.91 -3.07
N VAL F 5 -2.71 13.51 -3.18
CA VAL F 5 -2.53 14.87 -2.71
C VAL F 5 -2.02 15.72 -3.85
N GLN F 6 -2.79 16.75 -4.22
CA GLN F 6 -2.44 17.61 -5.35
C GLN F 6 -1.72 18.86 -4.87
N SER F 7 -1.05 19.52 -5.83
CA SER F 7 -0.35 20.77 -5.59
C SER F 7 -1.35 21.92 -5.44
N GLY F 8 -0.85 23.09 -4.97
CA GLY F 8 -1.67 24.22 -4.57
C GLY F 8 -2.27 24.96 -5.77
N ALA F 9 -3.41 25.61 -5.56
CA ALA F 9 -4.05 26.40 -6.60
C ALA F 9 -3.06 27.38 -7.23
N GLU F 10 -3.24 27.65 -8.52
CA GLU F 10 -2.35 28.49 -9.32
C GLU F 10 -3.11 29.53 -10.15
N VAL F 11 -2.55 30.74 -10.21
CA VAL F 11 -3.01 31.80 -11.09
C VAL F 11 -1.97 32.08 -12.18
N LYS F 12 -2.44 32.15 -13.41
CA LYS F 12 -1.54 32.24 -14.55
C LYS F 12 -2.05 33.30 -15.52
N LYS F 13 -1.13 33.83 -16.35
CA LYS F 13 -1.48 34.68 -17.47
C LYS F 13 -1.66 33.83 -18.73
N PRO F 14 -2.39 34.31 -19.76
CA PRO F 14 -2.45 33.58 -21.02
C PRO F 14 -1.07 33.38 -21.65
N GLY F 15 -0.91 32.24 -22.34
CA GLY F 15 0.34 31.89 -23.00
C GLY F 15 1.35 31.21 -22.07
N ALA F 16 1.02 31.09 -20.78
CA ALA F 16 1.95 30.46 -19.85
C ALA F 16 1.57 28.98 -19.68
N SER F 17 2.33 28.32 -18.79
CA SER F 17 2.25 26.91 -18.48
C SER F 17 2.03 26.71 -16.99
N VAL F 18 1.29 25.63 -16.66
CA VAL F 18 1.06 25.13 -15.30
C VAL F 18 1.47 23.67 -15.27
N LYS F 19 2.05 23.29 -14.12
CA LYS F 19 2.44 21.92 -13.87
C LYS F 19 1.86 21.52 -12.50
N VAL F 20 0.83 20.67 -12.53
CA VAL F 20 0.11 20.21 -11.35
C VAL F 20 0.64 18.85 -10.93
N SER F 21 1.00 18.75 -9.63
CA SER F 21 1.42 17.55 -8.90
C SER F 21 0.22 16.73 -8.44
N CYS F 22 0.36 15.39 -8.58
CA CYS F 22 -0.49 14.43 -7.89
C CYS F 22 0.39 13.39 -7.21
N LYS F 23 0.46 13.44 -5.86
CA LYS F 23 1.28 12.56 -5.06
C LYS F 23 0.44 11.46 -4.39
N ALA F 24 0.86 10.20 -4.63
CA ALA F 24 0.18 9.03 -4.13
C ALA F 24 0.70 8.63 -2.76
N PHE F 25 -0.24 8.32 -1.85
CA PHE F 25 -0.01 7.73 -0.54
C PHE F 25 -0.86 6.47 -0.32
N GLY F 26 -0.24 5.50 0.35
CA GLY F 26 -0.95 4.39 0.96
C GLY F 26 -0.97 3.13 0.10
N TYR F 27 -0.14 3.02 -0.94
CA TYR F 27 -0.20 1.87 -1.82
C TYR F 27 1.06 1.82 -2.70
N THR F 28 1.37 0.66 -3.30
CA THR F 28 2.49 0.56 -4.22
C THR F 28 2.17 1.43 -5.44
N PHE F 29 3.02 2.43 -5.69
CA PHE F 29 2.78 3.46 -6.68
C PHE F 29 2.53 2.87 -8.07
N THR F 30 3.21 1.79 -8.44
CA THR F 30 3.15 1.28 -9.81
C THR F 30 1.85 0.54 -10.10
N THR F 31 0.99 0.30 -9.11
CA THR F 31 -0.06 -0.70 -9.28
C THR F 31 -1.21 -0.20 -10.14
N TYR F 32 -1.43 1.13 -10.20
CA TYR F 32 -2.64 1.70 -10.76
C TYR F 32 -2.31 2.95 -11.56
N PRO F 33 -2.93 3.14 -12.74
CA PRO F 33 -2.74 4.37 -13.50
C PRO F 33 -3.30 5.57 -12.75
N ILE F 34 -2.79 6.76 -13.04
CA ILE F 34 -3.35 8.01 -12.53
C ILE F 34 -4.03 8.74 -13.67
N GLU F 35 -5.33 9.05 -13.48
CA GLU F 35 -6.20 9.69 -14.45
C GLU F 35 -6.35 11.17 -14.10
N TRP F 36 -6.41 12.06 -15.12
CA TRP F 36 -6.57 13.49 -14.91
C TRP F 36 -7.86 13.99 -15.54
N MET F 37 -8.56 14.86 -14.81
CA MET F 37 -9.79 15.47 -15.26
C MET F 37 -9.69 16.95 -14.96
N ARG F 38 -10.60 17.75 -15.51
CA ARG F 38 -10.79 19.11 -15.06
C ARG F 38 -12.26 19.43 -15.12
N GLN F 39 -12.67 20.42 -14.29
CA GLN F 39 -14.07 20.75 -14.10
C GLN F 39 -14.19 22.26 -14.07
N ALA F 40 -14.98 22.78 -15.02
CA ALA F 40 -15.29 24.20 -15.11
C ALA F 40 -16.80 24.36 -14.94
N PRO F 41 -17.28 25.41 -14.24
CA PRO F 41 -18.68 25.53 -13.86
C PRO F 41 -19.71 25.20 -14.93
N GLY F 42 -19.52 25.65 -16.20
CA GLY F 42 -20.55 25.50 -17.21
C GLY F 42 -20.27 24.40 -18.25
N LYS F 43 -19.36 23.46 -17.96
CA LYS F 43 -18.83 22.52 -18.95
C LYS F 43 -18.76 21.08 -18.42
N GLY F 44 -19.32 20.81 -17.24
CA GLY F 44 -19.29 19.48 -16.64
C GLY F 44 -17.88 19.00 -16.28
N LEU F 45 -17.57 17.72 -16.60
CA LEU F 45 -16.31 17.07 -16.29
C LEU F 45 -15.64 16.64 -17.59
N GLU F 46 -14.37 17.00 -17.76
CA GLU F 46 -13.59 16.68 -18.95
C GLU F 46 -12.39 15.81 -18.54
N TRP F 47 -12.18 14.73 -19.28
CA TRP F 47 -10.97 13.95 -19.12
C TRP F 47 -9.80 14.52 -19.93
N ILE F 48 -8.64 14.60 -19.28
CA ILE F 48 -7.43 15.10 -19.90
C ILE F 48 -6.57 13.96 -20.42
N GLY F 49 -6.21 13.02 -19.54
CA GLY F 49 -5.44 11.87 -20.00
C GLY F 49 -5.04 10.99 -18.82
N ASN F 50 -4.20 9.96 -19.07
CA ASN F 50 -3.69 9.17 -17.96
C ASN F 50 -2.22 8.73 -18.16
N PHE F 51 -1.61 8.33 -17.02
CA PHE F 51 -0.26 7.83 -16.93
C PHE F 51 -0.21 6.59 -16.03
N HIS F 52 0.34 5.50 -16.53
CA HIS F 52 0.53 4.30 -15.73
C HIS F 52 1.99 4.25 -15.23
N PRO F 53 2.28 4.44 -13.93
CA PRO F 53 3.66 4.37 -13.47
C PRO F 53 4.29 3.00 -13.65
N TYR F 54 3.48 1.99 -13.98
CA TYR F 54 3.99 0.63 -14.13
C TYR F 54 4.91 0.50 -15.35
N ASN F 55 4.58 1.23 -16.44
CA ASN F 55 5.24 1.07 -17.74
C ASN F 55 5.38 2.40 -18.49
N ASP F 56 5.05 3.52 -17.83
CA ASP F 56 5.03 4.87 -18.41
C ASP F 56 4.10 5.07 -19.61
N ASP F 57 3.11 4.20 -19.91
CA ASP F 57 2.25 4.45 -21.06
C ASP F 57 1.33 5.62 -20.73
N THR F 58 1.07 6.48 -21.73
CA THR F 58 0.22 7.65 -21.56
C THR F 58 -0.92 7.58 -22.55
N LYS F 59 -2.06 8.15 -22.16
CA LYS F 59 -3.19 8.37 -23.04
C LYS F 59 -3.65 9.81 -22.90
N TYR F 60 -3.89 10.47 -24.04
CA TYR F 60 -4.32 11.86 -24.07
C TYR F 60 -5.68 11.93 -24.77
N ASN F 61 -6.53 12.82 -24.27
CA ASN F 61 -7.70 13.29 -24.99
C ASN F 61 -7.23 14.12 -26.19
N GLU F 62 -7.72 13.73 -27.38
CA GLU F 62 -7.48 14.47 -28.62
C GLU F 62 -7.62 15.97 -28.35
N LYS F 63 -8.60 16.40 -27.55
CA LYS F 63 -8.84 17.82 -27.28
C LYS F 63 -7.56 18.52 -26.81
N PHE F 64 -6.60 17.82 -26.17
CA PHE F 64 -5.38 18.50 -25.76
C PHE F 64 -4.13 17.61 -25.80
N GLN F 65 -4.12 16.57 -26.65
CA GLN F 65 -2.85 16.02 -27.12
C GLN F 65 -1.85 17.14 -27.39
N GLY F 66 -2.29 18.16 -28.14
CA GLY F 66 -1.54 19.39 -28.33
C GLY F 66 -0.64 19.73 -27.14
N ARG F 67 -1.26 19.99 -25.97
CA ARG F 67 -0.78 21.00 -25.03
C ARG F 67 -0.49 20.48 -23.63
N VAL F 68 -0.62 19.17 -23.47
CA VAL F 68 -0.55 18.51 -22.18
C VAL F 68 0.57 17.47 -22.26
N THR F 69 1.40 17.47 -21.23
CA THR F 69 2.45 16.46 -21.09
C THR F 69 2.28 15.80 -19.72
N LEU F 70 2.17 14.47 -19.70
CA LEU F 70 2.08 13.73 -18.45
C LEU F 70 3.44 13.08 -18.14
N THR F 71 3.91 13.24 -16.90
CA THR F 71 5.22 12.75 -16.49
C THR F 71 5.17 12.22 -15.05
N VAL F 72 6.30 11.62 -14.63
CA VAL F 72 6.34 10.90 -13.37
C VAL F 72 7.70 11.10 -12.71
N ASP F 73 7.68 11.07 -11.39
CA ASP F 73 8.83 10.85 -10.55
C ASP F 73 8.46 9.68 -9.64
N LYS F 74 8.81 8.45 -10.06
CA LYS F 74 8.53 7.24 -9.29
C LYS F 74 9.09 7.36 -7.86
N SER F 75 10.27 7.97 -7.75
CA SER F 75 10.99 8.12 -6.49
C SER F 75 10.15 8.80 -5.41
N SER F 76 9.39 9.85 -5.77
CA SER F 76 8.55 10.56 -4.81
C SER F 76 7.07 10.28 -5.06
N THR F 77 6.78 9.21 -5.81
CA THR F 77 5.44 8.70 -6.11
C THR F 77 4.47 9.82 -6.53
N THR F 78 4.91 10.63 -7.52
CA THR F 78 4.16 11.78 -8.00
C THR F 78 4.02 11.70 -9.53
N VAL F 79 2.81 12.02 -10.02
CA VAL F 79 2.55 12.20 -11.45
C VAL F 79 2.32 13.70 -11.67
N TYR F 80 2.77 14.21 -12.84
CA TYR F 80 2.71 15.64 -13.16
C TYR F 80 1.85 15.86 -14.40
N MET F 81 0.96 16.85 -14.32
CA MET F 81 0.19 17.28 -15.48
C MET F 81 0.62 18.70 -15.79
N GLU F 82 1.25 18.87 -16.96
CA GLU F 82 1.64 20.19 -17.44
C GLU F 82 0.71 20.59 -18.59
N LEU F 83 0.10 21.76 -18.45
CA LEU F 83 -0.77 22.29 -19.48
C LEU F 83 -0.12 23.55 -20.01
N SER F 84 0.09 23.57 -21.34
CA SER F 84 0.80 24.65 -22.03
C SER F 84 -0.17 25.55 -22.79
N SER F 85 0.34 26.72 -23.20
CA SER F 85 -0.39 27.75 -23.95
C SER F 85 -1.74 28.01 -23.32
N LEU F 86 -1.75 28.40 -22.05
CA LEU F 86 -3.02 28.49 -21.37
C LEU F 86 -3.81 29.68 -21.94
N ARG F 87 -5.11 29.47 -22.09
CA ARG F 87 -6.05 30.54 -22.31
C ARG F 87 -7.07 30.61 -21.17
N SER F 88 -7.82 31.72 -21.17
CA SER F 88 -8.98 31.98 -20.32
C SER F 88 -9.88 30.75 -20.13
N GLU F 89 -10.20 30.07 -21.24
CA GLU F 89 -11.00 28.85 -21.32
C GLU F 89 -10.49 27.71 -20.45
N ASP F 90 -9.20 27.71 -20.11
CA ASP F 90 -8.58 26.62 -19.33
C ASP F 90 -8.80 26.73 -17.81
N THR F 91 -9.44 27.82 -17.34
CA THR F 91 -9.76 27.97 -15.94
C THR F 91 -10.64 26.82 -15.47
N ALA F 92 -10.17 26.14 -14.44
CA ALA F 92 -10.84 24.93 -14.00
C ALA F 92 -10.17 24.40 -12.73
N VAL F 93 -10.92 23.51 -12.09
CA VAL F 93 -10.38 22.66 -11.05
C VAL F 93 -9.88 21.39 -11.73
N TYR F 94 -8.56 21.20 -11.69
CA TYR F 94 -7.93 19.98 -12.19
C TYR F 94 -7.86 18.92 -11.07
N TYR F 95 -8.18 17.68 -11.42
CA TYR F 95 -8.24 16.57 -10.48
C TYR F 95 -7.39 15.42 -11.02
N CYS F 96 -6.72 14.69 -10.13
CA CYS F 96 -6.26 13.33 -10.39
C CYS F 96 -7.13 12.34 -9.61
N ALA F 97 -7.23 11.13 -10.14
CA ALA F 97 -8.01 10.10 -9.51
C ALA F 97 -7.42 8.76 -9.89
N ARG F 98 -7.89 7.70 -9.24
CA ARG F 98 -7.49 6.34 -9.60
C ARG F 98 -8.61 5.38 -9.27
N GLU F 99 -8.54 4.26 -9.97
CA GLU F 99 -9.46 3.15 -9.80
C GLU F 99 -9.11 2.36 -8.54
N ASN F 100 -9.92 1.33 -8.30
CA ASN F 100 -9.62 0.34 -7.28
C ASN F 100 -10.06 -1.02 -7.82
N TYR F 101 -9.75 -2.10 -7.09
CA TYR F 101 -10.01 -3.44 -7.58
C TYR F 101 -11.50 -3.64 -7.83
N GLY F 102 -11.85 -4.06 -9.04
CA GLY F 102 -13.22 -4.32 -9.48
C GLY F 102 -14.04 -3.08 -9.82
N SER F 103 -13.44 -1.88 -9.84
CA SER F 103 -14.21 -0.66 -10.09
C SER F 103 -14.50 -0.48 -11.58
N HIS F 104 -13.77 -1.21 -12.43
CA HIS F 104 -14.11 -1.31 -13.84
C HIS F 104 -14.20 0.07 -14.50
N GLY F 105 -13.31 0.99 -14.13
CA GLY F 105 -13.33 2.32 -14.74
C GLY F 105 -13.82 3.42 -13.80
N GLY F 106 -14.53 3.07 -12.74
CA GLY F 106 -14.97 4.04 -11.75
C GLY F 106 -13.80 4.46 -10.88
N PHE F 107 -13.70 5.78 -10.66
CA PHE F 107 -12.59 6.38 -9.92
C PHE F 107 -12.94 6.47 -8.44
N VAL F 108 -12.28 5.62 -7.62
CA VAL F 108 -12.55 5.48 -6.21
C VAL F 108 -11.82 6.56 -5.42
N TYR F 109 -10.57 6.82 -5.79
CA TYR F 109 -9.77 7.79 -5.05
C TYR F 109 -9.49 8.99 -5.93
N TRP F 110 -9.69 10.18 -5.36
CA TRP F 110 -9.55 11.45 -6.07
C TRP F 110 -8.67 12.39 -5.28
N GLY F 111 -7.87 13.19 -5.98
CA GLY F 111 -7.22 14.32 -5.34
C GLY F 111 -8.24 15.36 -4.87
N GLN F 112 -7.72 16.35 -4.13
CA GLN F 112 -8.58 17.38 -3.56
C GLN F 112 -8.87 18.47 -4.60
N GLY F 113 -8.29 18.36 -5.80
CA GLY F 113 -8.48 19.36 -6.83
C GLY F 113 -7.45 20.48 -6.74
N THR F 114 -7.11 21.05 -7.89
CA THR F 114 -6.22 22.21 -7.96
C THR F 114 -6.90 23.20 -8.87
N LEU F 115 -7.25 24.38 -8.32
CA LEU F 115 -7.79 25.49 -9.09
C LEU F 115 -6.65 26.09 -9.90
N VAL F 116 -6.86 26.19 -11.21
CA VAL F 116 -5.99 27.02 -12.02
C VAL F 116 -6.83 28.12 -12.66
N THR F 117 -6.55 29.37 -12.29
CA THR F 117 -7.20 30.52 -12.85
C THR F 117 -6.25 31.16 -13.89
N VAL F 118 -6.69 31.19 -15.16
CA VAL F 118 -5.92 31.81 -16.24
C VAL F 118 -6.54 33.18 -16.52
N SER F 119 -5.79 34.26 -16.25
CA SER F 119 -6.32 35.59 -16.51
C SER F 119 -5.22 36.58 -16.91
N SER F 120 -5.60 37.49 -17.81
CA SER F 120 -4.87 38.71 -18.08
C SER F 120 -4.73 39.56 -16.81
N ALA F 121 -5.77 39.58 -15.96
CA ALA F 121 -5.78 40.49 -14.82
C ALA F 121 -4.66 40.17 -13.82
N SER F 122 -4.39 41.08 -12.89
CA SER F 122 -3.45 40.88 -11.79
C SER F 122 -4.18 41.08 -10.47
N THR F 123 -3.51 40.75 -9.35
CA THR F 123 -4.10 40.83 -8.02
C THR F 123 -4.65 42.23 -7.80
N LYS F 124 -5.88 42.34 -7.29
CA LYS F 124 -6.32 43.63 -6.75
C LYS F 124 -7.50 43.49 -5.80
N GLY F 125 -7.52 44.40 -4.83
CA GLY F 125 -8.56 44.45 -3.81
C GLY F 125 -9.85 45.03 -4.37
N PRO F 126 -11.03 44.74 -3.76
CA PRO F 126 -12.29 45.31 -4.19
C PRO F 126 -12.48 46.73 -3.71
N SER F 127 -13.19 47.53 -4.50
CA SER F 127 -13.85 48.68 -3.92
C SER F 127 -15.20 48.21 -3.38
N VAL F 128 -15.63 48.84 -2.29
CA VAL F 128 -16.84 48.47 -1.58
C VAL F 128 -17.72 49.71 -1.59
N PHE F 129 -18.89 49.60 -2.24
CA PHE F 129 -19.81 50.71 -2.38
C PHE F 129 -21.09 50.36 -1.63
N PRO F 130 -21.76 51.34 -1.00
CA PRO F 130 -23.01 51.10 -0.30
C PRO F 130 -24.20 50.99 -1.25
N LEU F 131 -25.02 49.98 -1.01
CA LEU F 131 -26.34 49.88 -1.59
C LEU F 131 -27.28 50.39 -0.50
N ALA F 132 -27.57 51.69 -0.61
CA ALA F 132 -28.31 52.47 0.35
C ALA F 132 -29.77 52.08 0.30
N PRO F 133 -30.40 51.82 1.49
CA PRO F 133 -31.78 51.33 1.55
C PRO F 133 -32.86 52.28 1.01
N GLY F 141 -42.61 47.40 5.67
CA GLY F 141 -41.98 46.82 6.86
C GLY F 141 -40.48 46.61 6.68
N THR F 142 -40.09 46.10 5.51
CA THR F 142 -38.74 45.59 5.26
C THR F 142 -37.94 46.57 4.39
N ALA F 143 -36.66 46.70 4.71
CA ALA F 143 -35.73 47.41 3.86
C ALA F 143 -34.57 46.49 3.51
N ALA F 144 -34.07 46.65 2.29
CA ALA F 144 -32.85 46.01 1.85
C ALA F 144 -31.76 47.05 1.77
N LEU F 145 -30.54 46.57 2.01
CA LEU F 145 -29.34 47.36 1.96
C LEU F 145 -28.23 46.37 1.73
N GLY F 146 -27.06 46.86 1.34
CA GLY F 146 -26.02 45.97 0.87
C GLY F 146 -24.71 46.71 0.61
N CYS F 147 -23.76 45.92 0.14
CA CYS F 147 -22.48 46.42 -0.35
C CYS F 147 -22.21 45.81 -1.70
N LEU F 148 -21.77 46.67 -2.61
CA LEU F 148 -21.29 46.23 -3.89
C LEU F 148 -19.78 46.11 -3.71
N VAL F 149 -19.28 44.90 -3.97
CA VAL F 149 -17.87 44.56 -3.85
C VAL F 149 -17.35 44.38 -5.27
N LYS F 150 -16.77 45.46 -5.81
CA LYS F 150 -16.52 45.52 -7.24
C LYS F 150 -15.02 45.52 -7.52
N ASP F 151 -14.64 44.71 -8.51
CA ASP F 151 -13.42 44.91 -9.28
C ASP F 151 -12.22 44.34 -8.55
N TYR F 152 -12.28 43.03 -8.28
CA TYR F 152 -11.30 42.37 -7.43
C TYR F 152 -10.82 41.12 -8.18
N PHE F 153 -9.56 40.75 -7.94
CA PHE F 153 -8.96 39.54 -8.49
C PHE F 153 -7.88 38.96 -7.59
N PRO F 154 -7.81 37.62 -7.43
CA PRO F 154 -8.81 36.67 -7.88
C PRO F 154 -9.80 36.34 -6.76
N GLU F 155 -10.62 35.29 -6.98
CA GLU F 155 -11.44 34.82 -5.88
C GLU F 155 -10.60 34.26 -4.74
N PRO F 156 -11.04 34.31 -3.46
CA PRO F 156 -12.32 34.84 -3.08
C PRO F 156 -12.27 36.15 -2.31
N VAL F 157 -13.47 36.64 -1.98
CA VAL F 157 -13.67 37.60 -0.92
C VAL F 157 -14.56 36.92 0.12
N THR F 158 -14.62 37.53 1.31
CA THR F 158 -15.56 37.13 2.33
C THR F 158 -16.20 38.41 2.82
N VAL F 159 -17.52 38.34 3.03
CA VAL F 159 -18.28 39.48 3.51
C VAL F 159 -19.00 39.05 4.79
N SER F 160 -19.05 39.95 5.76
CA SER F 160 -19.93 39.71 6.90
C SER F 160 -20.44 41.07 7.35
N TRP F 161 -21.46 41.05 8.20
CA TRP F 161 -22.17 42.25 8.59
C TRP F 161 -22.10 42.42 10.11
N ASN F 162 -21.86 43.66 10.56
CA ASN F 162 -21.78 43.98 11.98
C ASN F 162 -20.93 42.91 12.67
N SER F 163 -19.78 42.61 12.03
CA SER F 163 -18.72 41.78 12.59
C SER F 163 -19.17 40.33 12.74
N GLY F 164 -20.31 39.98 12.13
CA GLY F 164 -20.80 38.63 12.23
C GLY F 164 -22.04 38.56 13.13
N ALA F 165 -22.38 39.66 13.79
CA ALA F 165 -23.57 39.69 14.63
C ALA F 165 -24.81 39.54 13.75
N LEU F 166 -24.76 40.09 12.53
CA LEU F 166 -25.89 40.07 11.61
C LEU F 166 -25.69 38.98 10.56
N THR F 167 -26.42 37.88 10.71
CA THR F 167 -26.37 36.78 9.76
C THR F 167 -27.74 36.52 9.15
N SER F 168 -28.79 36.79 9.93
CA SER F 168 -30.15 36.49 9.52
C SER F 168 -30.51 37.33 8.30
N GLY F 169 -30.92 36.65 7.23
CA GLY F 169 -31.39 37.34 6.02
C GLY F 169 -30.26 37.93 5.14
N VAL F 170 -29.00 37.54 5.40
CA VAL F 170 -27.84 37.94 4.63
C VAL F 170 -27.72 37.07 3.39
N HIS F 171 -27.49 37.72 2.25
CA HIS F 171 -27.30 37.03 0.99
C HIS F 171 -26.06 37.64 0.33
N THR F 172 -25.03 36.81 0.17
CA THR F 172 -23.84 37.22 -0.54
C THR F 172 -23.81 36.43 -1.85
N PHE F 173 -24.00 37.13 -2.95
CA PHE F 173 -24.12 36.47 -4.24
C PHE F 173 -22.80 35.90 -4.72
N PRO F 174 -22.85 34.86 -5.55
CA PRO F 174 -21.68 34.42 -6.27
C PRO F 174 -21.06 35.52 -7.12
N ALA F 175 -19.72 35.60 -7.11
CA ALA F 175 -19.00 36.54 -7.93
C ALA F 175 -19.27 36.26 -9.40
N VAL F 176 -19.34 37.29 -10.22
CA VAL F 176 -19.36 37.05 -11.66
C VAL F 176 -18.23 37.82 -12.32
N LEU F 177 -17.66 37.16 -13.31
CA LEU F 177 -16.50 37.64 -14.04
C LEU F 177 -16.97 38.69 -15.03
N GLN F 178 -16.50 39.93 -14.87
CA GLN F 178 -16.74 40.97 -15.85
C GLN F 178 -15.72 40.79 -16.98
N SER F 179 -15.97 41.42 -18.13
CA SER F 179 -15.08 41.30 -19.28
C SER F 179 -13.74 42.00 -19.02
N SER F 180 -13.67 42.88 -18.01
CA SER F 180 -12.40 43.41 -17.52
C SER F 180 -11.48 42.32 -16.98
N GLY F 181 -11.98 41.11 -16.75
CA GLY F 181 -11.22 40.01 -16.15
C GLY F 181 -11.29 40.04 -14.62
N LEU F 182 -11.99 41.04 -14.07
CA LEU F 182 -12.15 41.23 -12.64
C LEU F 182 -13.50 40.67 -12.22
N TYR F 183 -13.61 40.34 -10.94
CA TYR F 183 -14.83 39.79 -10.36
C TYR F 183 -15.55 40.92 -9.61
N SER F 184 -16.86 40.74 -9.50
CA SER F 184 -17.73 41.65 -8.81
C SER F 184 -18.92 40.87 -8.23
N LEU F 185 -19.39 41.28 -7.05
CA LEU F 185 -20.54 40.69 -6.39
C LEU F 185 -21.14 41.74 -5.46
N SER F 186 -22.38 41.47 -5.04
CA SER F 186 -23.05 42.21 -4.00
C SER F 186 -23.33 41.30 -2.80
N SER F 187 -23.34 41.90 -1.62
CA SER F 187 -23.87 41.23 -0.46
C SER F 187 -24.99 42.12 0.05
N VAL F 188 -26.13 41.47 0.33
CA VAL F 188 -27.30 42.19 0.79
C VAL F 188 -27.84 41.62 2.09
N VAL F 189 -28.64 42.44 2.79
CA VAL F 189 -29.38 42.04 3.97
C VAL F 189 -30.70 42.78 4.04
N THR F 190 -31.78 42.10 4.47
CA THR F 190 -33.02 42.81 4.76
C THR F 190 -33.22 42.98 6.26
N VAL F 191 -33.67 44.17 6.67
CA VAL F 191 -33.90 44.53 8.07
C VAL F 191 -35.28 45.15 8.19
N PRO F 192 -35.84 45.31 9.42
CA PRO F 192 -37.01 46.17 9.62
C PRO F 192 -36.73 47.65 9.36
N SER F 193 -37.59 48.30 8.57
CA SER F 193 -37.42 49.70 8.19
C SER F 193 -37.22 50.55 9.44
N SER F 194 -37.96 50.19 10.51
CA SER F 194 -37.93 50.91 11.78
C SER F 194 -36.54 50.84 12.42
N SER F 195 -35.65 50.00 11.87
CA SER F 195 -34.33 49.82 12.43
C SER F 195 -33.35 50.81 11.79
N LEU F 196 -33.77 51.51 10.74
CA LEU F 196 -32.88 52.44 10.05
C LEU F 196 -32.61 53.65 10.94
N GLY F 197 -33.54 53.91 11.88
CA GLY F 197 -33.25 54.76 13.04
C GLY F 197 -32.28 54.10 14.01
N THR F 198 -32.63 52.91 14.51
CA THR F 198 -31.87 52.24 15.56
C THR F 198 -30.49 51.82 15.02
N GLN F 199 -30.41 50.65 14.37
CA GLN F 199 -29.15 49.93 14.21
C GLN F 199 -28.29 50.55 13.12
N THR F 200 -26.98 50.37 13.25
CA THR F 200 -26.03 50.70 12.20
C THR F 200 -25.68 49.42 11.44
N TYR F 201 -25.44 49.56 10.13
CA TYR F 201 -25.14 48.43 9.26
C TYR F 201 -23.81 48.68 8.53
N ILE F 202 -22.85 47.77 8.76
CA ILE F 202 -21.51 47.82 8.22
C ILE F 202 -21.24 46.48 7.55
N CYS F 203 -20.90 46.48 6.27
CA CYS F 203 -20.35 45.29 5.69
C CYS F 203 -18.86 45.37 5.94
N ASN F 204 -18.27 44.22 6.28
CA ASN F 204 -16.85 44.03 6.48
C ASN F 204 -16.40 43.09 5.37
N VAL F 205 -15.49 43.57 4.52
CA VAL F 205 -15.07 42.86 3.33
C VAL F 205 -13.59 42.52 3.50
N ASN F 206 -13.21 41.32 3.06
CA ASN F 206 -11.90 40.78 3.31
C ASN F 206 -11.38 40.14 2.03
N HIS F 207 -10.29 40.66 1.48
CA HIS F 207 -9.68 40.07 0.30
C HIS F 207 -8.22 39.75 0.63
N LYS F 208 -7.98 38.48 1.01
CA LYS F 208 -6.69 38.04 1.47
C LYS F 208 -5.61 38.43 0.47
N PRO F 209 -5.76 38.09 -0.83
CA PRO F 209 -4.69 38.25 -1.82
C PRO F 209 -4.09 39.66 -1.94
N SER F 210 -4.77 40.66 -1.37
CA SER F 210 -4.33 42.03 -1.42
C SER F 210 -4.30 42.64 -0.03
N ASN F 211 -4.35 41.78 0.99
CA ASN F 211 -4.51 42.21 2.38
C ASN F 211 -5.48 43.36 2.50
N THR F 212 -6.65 43.25 1.84
CA THR F 212 -7.65 44.29 1.89
C THR F 212 -8.68 43.90 2.94
N LYS F 213 -8.89 44.82 3.88
CA LYS F 213 -9.97 44.78 4.84
C LYS F 213 -10.66 46.14 4.80
N VAL F 214 -11.95 46.17 4.43
CA VAL F 214 -12.67 47.42 4.25
C VAL F 214 -13.93 47.33 5.11
N ASP F 215 -14.29 48.45 5.73
CA ASP F 215 -15.55 48.54 6.46
C ASP F 215 -16.39 49.63 5.81
N LYS F 216 -17.54 49.27 5.24
CA LYS F 216 -18.39 50.29 4.65
C LYS F 216 -19.68 50.35 5.45
N LYS F 217 -19.93 51.53 6.02
CA LYS F 217 -21.20 51.81 6.66
C LYS F 217 -22.18 52.16 5.56
N VAL F 218 -23.37 51.58 5.66
CA VAL F 218 -24.40 51.73 4.66
C VAL F 218 -25.49 52.57 5.30
N GLU F 219 -25.67 53.79 4.82
CA GLU F 219 -26.58 54.72 5.46
C GLU F 219 -27.81 54.91 4.60
N PRO F 220 -28.95 55.32 5.20
CA PRO F 220 -30.09 55.82 4.42
C PRO F 220 -29.84 57.23 3.89
#